data_7XEF
#
_entry.id   7XEF
#
_cell.length_a   49.862
_cell.length_b   51.024
_cell.length_c   65.077
_cell.angle_alpha   69.890
_cell.angle_beta   79.160
_cell.angle_gamma   63.810
#
_symmetry.space_group_name_H-M   'P 1'
#
loop_
_entity.id
_entity.type
_entity.pdbx_description
1 polymer 'Limonene-1,2-epoxide hydrolase'
2 non-polymer [(3~{R})-3-phenyl-1-(phenylmethyl)pyrrolidin-3-yl]methanol
3 non-polymer 1,2-ETHANEDIOL
4 non-polymer 'SODIUM ION'
5 non-polymer DI(HYDROXYETHYL)ETHER
6 water water
#
_entity_poly.entity_id   1
_entity_poly.type   'polypeptide(L)'
_entity_poly.pdbx_seq_one_letter_code
;MHHHHHHTSKIEQPRWASKDSAAGAASTPDEKIVLEFMDALTSNDAAKLIEYFAEDTMFQAMPLPPAYGRDAVEQTLAGL
FTVMSIDAVETFHIGSSNGLVYTERVDVLRALPTGKSYNLSILGVFQLTEGKITGWRDYFDLREFEEAVDLPLRG
;
_entity_poly.pdbx_strand_id   A,B,C,D
#
loop_
_chem_comp.id
_chem_comp.type
_chem_comp.name
_chem_comp.formula
D0I non-polymer [(3~{R})-3-phenyl-1-(phenylmethyl)pyrrolidin-3-yl]methanol 'C18 H21 N O'
EDO non-polymer 1,2-ETHANEDIOL 'C2 H6 O2'
NA non-polymer 'SODIUM ION' 'Na 1'
PEG non-polymer DI(HYDROXYETHYL)ETHER 'C4 H10 O3'
#
# COMPACT_ATOMS: atom_id res chain seq x y z
N THR A 8 7.88 9.47 23.93
CA THR A 8 7.67 9.49 22.48
C THR A 8 7.80 10.91 21.91
N SER A 9 8.00 10.99 20.61
CA SER A 9 8.20 12.28 19.95
C SER A 9 6.87 12.93 19.59
N LYS A 10 6.93 14.24 19.31
CA LYS A 10 5.71 14.99 19.05
C LYS A 10 4.97 14.39 17.86
N ILE A 11 3.65 14.30 17.99
CA ILE A 11 2.79 13.79 16.92
C ILE A 11 2.47 14.94 15.98
N GLU A 12 2.90 14.80 14.73
CA GLU A 12 2.72 15.87 13.75
C GLU A 12 1.25 16.01 13.35
N GLN A 13 0.85 17.25 13.06
CA GLN A 13 -0.49 17.45 12.51
C GLN A 13 -0.50 16.93 11.08
N PRO A 14 -1.45 16.07 10.71
CA PRO A 14 -1.54 15.63 9.31
C PRO A 14 -1.71 16.81 8.37
N ARG A 15 -1.25 16.64 7.12
CA ARG A 15 -1.44 17.65 6.10
C ARG A 15 -2.90 18.04 5.96
N TRP A 16 -3.82 17.08 6.14
CA TRP A 16 -5.24 17.33 5.96
C TRP A 16 -5.93 17.87 7.21
N ALA A 17 -5.22 18.08 8.32
CA ALA A 17 -5.87 18.54 9.54
C ALA A 17 -6.49 19.92 9.35
N SER A 18 -7.64 20.13 9.96
CA SER A 18 -8.25 21.44 9.98
C SER A 18 -7.33 22.47 10.65
N LYS A 19 -7.33 23.69 10.12
CA LYS A 19 -6.64 24.80 10.76
C LYS A 19 -7.59 25.70 11.56
N ASP A 20 -8.88 25.34 11.62
CA ASP A 20 -9.77 25.98 12.57
C ASP A 20 -9.23 25.76 13.99
N SER A 21 -8.89 26.85 14.68
CA SER A 21 -8.27 26.69 16.00
C SER A 21 -9.17 25.99 17.02
N ALA A 22 -10.46 25.83 16.74
CA ALA A 22 -11.38 25.15 17.64
C ALA A 22 -11.54 23.68 17.29
N ALA A 23 -10.91 23.21 16.20
CA ALA A 23 -11.22 21.89 15.70
C ALA A 23 -10.83 20.81 16.71
N GLY A 24 -9.66 20.94 17.32
CA GLY A 24 -9.22 20.00 18.34
C GLY A 24 -9.58 20.39 19.76
N ALA A 25 -10.38 21.44 19.92
CA ALA A 25 -10.82 21.87 21.24
C ALA A 25 -12.23 21.37 21.49
N ALA A 26 -12.52 21.07 22.75
CA ALA A 26 -13.87 20.71 23.17
C ALA A 26 -14.73 21.97 23.25
N SER A 27 -15.93 21.89 22.69
CA SER A 27 -16.87 23.00 22.75
C SER A 27 -18.04 22.79 23.71
N THR A 28 -18.20 21.61 24.27
CA THR A 28 -19.32 21.25 25.14
C THR A 28 -18.81 20.46 26.33
N PRO A 29 -19.61 20.36 27.39
CA PRO A 29 -19.17 19.51 28.52
C PRO A 29 -18.94 18.05 28.14
N ASP A 30 -19.73 17.49 27.23
CA ASP A 30 -19.51 16.11 26.79
C ASP A 30 -18.18 15.97 26.05
N GLU A 31 -17.87 16.91 25.17
CA GLU A 31 -16.56 16.84 24.49
C GLU A 31 -15.42 16.97 25.49
N LYS A 32 -15.61 17.80 26.51
CA LYS A 32 -14.59 17.91 27.55
C LYS A 32 -14.36 16.57 28.26
N ILE A 33 -15.45 15.87 28.60
CA ILE A 33 -15.31 14.54 29.20
C ILE A 33 -14.52 13.61 28.28
N VAL A 34 -14.83 13.62 26.99
CA VAL A 34 -14.15 12.71 26.08
C VAL A 34 -12.65 13.05 26.00
N LEU A 35 -12.28 14.34 25.99
CA LEU A 35 -10.86 14.67 25.97
C LEU A 35 -10.18 14.23 27.26
N GLU A 36 -10.89 14.34 28.39
CA GLU A 36 -10.32 13.86 29.66
C GLU A 36 -10.14 12.36 29.63
N PHE A 37 -11.11 11.65 29.03
CA PHE A 37 -10.99 10.22 28.85
C PHE A 37 -9.77 9.88 27.99
N MET A 38 -9.54 10.66 26.92
CA MET A 38 -8.37 10.43 26.08
C MET A 38 -7.08 10.61 26.87
N ASP A 39 -7.03 11.63 27.73
CA ASP A 39 -5.89 11.82 28.61
C ASP A 39 -5.67 10.61 29.50
N ALA A 40 -6.75 10.00 29.97
CA ALA A 40 -6.67 8.90 30.92
C ALA A 40 -6.20 7.60 30.26
N LEU A 41 -6.32 7.50 28.93
CA LEU A 41 -5.97 6.25 28.24
C LEU A 41 -4.54 5.82 28.52
N THR A 42 -3.61 6.78 28.64
CA THR A 42 -2.21 6.43 28.83
C THR A 42 -1.94 5.82 30.21
N SER A 43 -2.96 5.78 31.09
CA SER A 43 -2.88 5.04 32.33
C SER A 43 -2.75 3.53 32.11
N ASN A 44 -3.22 3.04 30.96
CA ASN A 44 -3.30 1.59 30.69
C ASN A 44 -4.03 0.85 31.81
N ASP A 45 -5.05 1.50 32.37
CA ASP A 45 -5.65 1.04 33.62
C ASP A 45 -7.17 0.95 33.40
N ALA A 46 -7.66 -0.26 33.13
CA ALA A 46 -9.08 -0.45 32.88
C ALA A 46 -9.93 -0.04 34.10
N ALA A 47 -9.39 -0.20 35.31
CA ALA A 47 -10.15 0.21 36.51
C ALA A 47 -10.29 1.72 36.61
N LYS A 48 -9.29 2.46 36.15
CA LYS A 48 -9.45 3.92 36.09
C LYS A 48 -10.40 4.30 34.97
N LEU A 49 -10.23 3.66 33.81
CA LEU A 49 -11.04 4.05 32.65
C LEU A 49 -12.51 3.71 32.82
N ILE A 50 -12.84 2.63 33.54
CA ILE A 50 -14.25 2.22 33.57
C ILE A 50 -15.11 3.20 34.37
N GLU A 51 -14.51 4.02 35.23
CA GLU A 51 -15.25 5.07 35.93
C GLU A 51 -16.02 5.97 34.95
N TYR A 52 -15.52 6.14 33.73
CA TYR A 52 -16.18 6.98 32.73
C TYR A 52 -17.43 6.35 32.13
N PHE A 53 -17.68 5.06 32.35
CA PHE A 53 -18.71 4.33 31.63
C PHE A 53 -19.97 4.12 32.47
N ALA A 54 -21.12 4.25 31.80
CA ALA A 54 -22.41 3.87 32.38
C ALA A 54 -22.52 2.36 32.46
N GLU A 55 -23.47 1.90 33.29
CA GLU A 55 -23.73 0.47 33.35
C GLU A 55 -24.23 -0.06 32.01
N ASP A 56 -25.14 0.68 31.37
CA ASP A 56 -25.68 0.31 30.06
C ASP A 56 -24.75 0.91 29.01
N THR A 57 -23.79 0.13 28.51
CA THR A 57 -22.74 0.70 27.68
C THR A 57 -22.24 -0.39 26.73
N MET A 58 -21.36 0.01 25.81
CA MET A 58 -20.70 -0.95 24.95
C MET A 58 -19.39 -0.34 24.46
N PHE A 59 -18.54 -1.23 23.98
CA PHE A 59 -17.25 -0.85 23.41
C PHE A 59 -16.96 -1.77 22.25
N GLN A 60 -16.46 -1.21 21.14
CA GLN A 60 -15.98 -2.09 20.08
C GLN A 60 -14.84 -1.40 19.34
N ALA A 61 -13.69 -2.04 19.31
CA ALA A 61 -12.69 -1.74 18.30
C ALA A 61 -13.15 -2.48 17.05
N MET A 62 -13.62 -1.75 16.03
CA MET A 62 -14.49 -2.38 15.04
C MET A 62 -13.94 -3.63 14.36
N PRO A 63 -12.63 -3.81 14.12
CA PRO A 63 -12.18 -5.09 13.52
C PRO A 63 -12.35 -6.32 14.43
N LEU A 64 -12.67 -6.14 15.71
CA LEU A 64 -12.74 -7.17 16.74
C LEU A 64 -14.13 -7.20 17.37
N PRO A 65 -14.49 -8.28 18.08
CA PRO A 65 -15.87 -8.41 18.56
C PRO A 65 -16.21 -7.38 19.61
N PRO A 66 -17.48 -6.97 19.68
CA PRO A 66 -17.89 -5.95 20.66
C PRO A 66 -18.06 -6.51 22.06
N ALA A 67 -18.06 -5.60 23.01
CA ALA A 67 -18.34 -5.91 24.41
C ALA A 67 -19.57 -5.10 24.81
N TYR A 68 -20.55 -5.76 25.41
CA TYR A 68 -21.78 -5.09 25.82
C TYR A 68 -21.92 -5.10 27.34
N GLY A 69 -22.22 -3.95 27.90
CA GLY A 69 -22.36 -3.82 29.35
C GLY A 69 -21.03 -3.51 30.02
N ARG A 70 -21.12 -2.83 31.16
CA ARG A 70 -19.93 -2.26 31.79
C ARG A 70 -18.89 -3.32 32.18
N ASP A 71 -19.34 -4.49 32.62
CA ASP A 71 -18.40 -5.53 33.05
C ASP A 71 -17.61 -6.08 31.87
N ALA A 72 -18.30 -6.47 30.80
CA ALA A 72 -17.61 -6.90 29.59
C ALA A 72 -16.68 -5.80 29.04
N VAL A 73 -17.12 -4.54 29.06
CA VAL A 73 -16.27 -3.45 28.57
C VAL A 73 -14.97 -3.39 29.37
N GLU A 74 -15.06 -3.38 30.70
CA GLU A 74 -13.85 -3.31 31.51
C GLU A 74 -12.95 -4.50 31.24
N GLN A 75 -13.51 -5.71 31.19
CA GLN A 75 -12.67 -6.88 30.96
C GLN A 75 -12.06 -6.86 29.57
N THR A 76 -12.77 -6.30 28.59
CA THR A 76 -12.22 -6.27 27.22
C THR A 76 -11.08 -5.25 27.11
N LEU A 77 -11.25 -4.09 27.75
CA LEU A 77 -10.13 -3.13 27.81
C LEU A 77 -8.96 -3.69 28.60
N ALA A 78 -9.22 -4.30 29.75
CA ALA A 78 -8.12 -4.90 30.50
C ALA A 78 -7.37 -5.91 29.63
N GLY A 79 -8.09 -6.69 28.85
CA GLY A 79 -7.42 -7.66 27.98
C GLY A 79 -6.52 -7.00 26.93
N LEU A 80 -6.96 -5.87 26.36
CA LEU A 80 -6.09 -5.16 25.44
C LEU A 80 -4.84 -4.66 26.14
N PHE A 81 -4.99 -4.20 27.38
CA PHE A 81 -3.83 -3.73 28.11
C PHE A 81 -2.89 -4.85 28.51
N THR A 82 -3.26 -6.14 28.37
CA THR A 82 -2.28 -7.19 28.66
C THR A 82 -1.22 -7.26 27.57
N VAL A 83 -1.49 -6.74 26.38
CA VAL A 83 -0.54 -6.82 25.27
C VAL A 83 -0.14 -5.48 24.69
N MET A 84 -0.84 -4.39 24.99
CA MET A 84 -0.53 -3.08 24.41
C MET A 84 -0.48 -1.99 25.48
N SER A 85 0.45 -1.05 25.31
CA SER A 85 0.43 0.20 26.06
C SER A 85 0.01 1.32 25.12
N ILE A 86 -0.87 2.19 25.61
CA ILE A 86 -1.19 3.46 24.95
C ILE A 86 -0.18 4.48 25.44
N ASP A 87 0.80 4.79 24.60
CA ASP A 87 1.84 5.71 25.05
C ASP A 87 1.48 7.17 24.85
N ALA A 88 0.62 7.49 23.89
CA ALA A 88 0.21 8.86 23.62
C ALA A 88 -1.06 8.83 22.79
N VAL A 89 -1.86 9.89 22.92
CA VAL A 89 -3.06 10.09 22.11
C VAL A 89 -3.06 11.54 21.66
N GLU A 90 -3.18 11.78 20.35
CA GLU A 90 -3.30 13.12 19.83
C GLU A 90 -4.62 13.22 19.08
N THR A 91 -5.51 14.09 19.54
CA THR A 91 -6.83 14.26 18.95
C THR A 91 -6.77 15.48 18.05
N PHE A 92 -6.86 15.25 16.74
CA PHE A 92 -6.80 16.36 15.80
C PHE A 92 -8.12 17.10 15.72
N HIS A 93 -9.23 16.37 15.67
CA HIS A 93 -10.56 16.94 15.50
C HIS A 93 -11.48 16.32 16.54
N ILE A 94 -12.28 17.16 17.18
CA ILE A 94 -13.35 16.65 18.03
C ILE A 94 -14.60 17.46 17.71
N GLY A 95 -15.74 16.76 17.59
CA GLY A 95 -17.00 17.39 17.26
C GLY A 95 -18.10 16.54 17.84
N SER A 96 -19.32 17.04 17.79
CA SER A 96 -20.41 16.27 18.35
C SER A 96 -21.77 16.75 17.86
N SER A 97 -22.73 15.83 17.86
CA SER A 97 -24.13 16.16 17.59
C SER A 97 -24.96 15.05 18.20
N ASN A 98 -26.13 15.40 18.74
CA ASN A 98 -27.13 14.41 19.11
C ASN A 98 -26.62 13.41 20.14
N GLY A 99 -25.74 13.84 21.03
CA GLY A 99 -25.22 12.99 22.07
C GLY A 99 -24.12 12.06 21.63
N LEU A 100 -23.60 12.24 20.41
CA LEU A 100 -22.45 11.50 19.93
C LEU A 100 -21.25 12.44 19.78
N VAL A 101 -20.09 11.99 20.23
CA VAL A 101 -18.87 12.76 20.11
C VAL A 101 -17.94 11.99 19.19
N TYR A 102 -17.35 12.69 18.23
CA TYR A 102 -16.46 12.07 17.27
C TYR A 102 -15.05 12.59 17.49
N THR A 103 -14.05 11.69 17.37
CA THR A 103 -12.66 12.08 17.59
C THR A 103 -11.83 11.51 16.45
N GLU A 104 -11.15 12.37 15.70
CA GLU A 104 -10.19 11.93 14.71
C GLU A 104 -8.80 12.08 15.32
N ARG A 105 -8.08 10.96 15.42
CA ARG A 105 -6.94 10.83 16.34
C ARG A 105 -5.80 10.07 15.74
N VAL A 106 -4.63 10.21 16.38
CA VAL A 106 -3.57 9.22 16.29
C VAL A 106 -3.30 8.72 17.69
N ASP A 107 -3.27 7.39 17.85
CA ASP A 107 -2.89 6.76 19.10
C ASP A 107 -1.52 6.14 18.87
N VAL A 108 -0.58 6.42 19.78
CA VAL A 108 0.72 5.78 19.73
C VAL A 108 0.63 4.52 20.58
N LEU A 109 0.55 3.36 19.91
CA LEU A 109 0.31 2.08 20.57
C LEU A 109 1.57 1.25 20.50
N ARG A 110 1.97 0.70 21.65
CA ARG A 110 3.18 -0.11 21.75
C ARG A 110 2.79 -1.54 22.12
N ALA A 111 3.31 -2.52 21.36
CA ALA A 111 3.05 -3.93 21.63
C ALA A 111 4.02 -4.41 22.70
N LEU A 112 3.49 -4.80 23.86
CA LEU A 112 4.38 -5.27 24.91
C LEU A 112 5.22 -6.49 24.50
N PRO A 113 4.72 -7.49 23.77
CA PRO A 113 5.56 -8.66 23.48
C PRO A 113 6.73 -8.37 22.56
N THR A 114 6.67 -7.32 21.75
CA THR A 114 7.72 -7.05 20.74
C THR A 114 8.47 -5.77 21.00
N GLY A 115 7.93 -4.88 21.83
CA GLY A 115 8.52 -3.58 22.06
C GLY A 115 8.38 -2.60 20.93
N LYS A 116 7.67 -2.95 19.87
CA LYS A 116 7.50 -2.03 18.76
C LYS A 116 6.29 -1.15 18.98
N SER A 117 6.34 0.03 18.37
CA SER A 117 5.28 1.04 18.48
CA SER A 117 5.29 1.05 18.49
C SER A 117 4.83 1.47 17.10
N TYR A 118 3.57 1.95 17.01
CA TYR A 118 3.05 2.51 15.76
C TYR A 118 2.09 3.66 16.05
N ASN A 119 2.17 4.71 15.22
CA ASN A 119 1.25 5.85 15.27
C ASN A 119 0.05 5.48 14.42
N LEU A 120 -1.03 5.03 15.06
CA LEU A 120 -2.18 4.48 14.35
C LEU A 120 -3.26 5.55 14.17
N SER A 121 -3.71 5.69 12.92
CA SER A 121 -4.80 6.61 12.59
C SER A 121 -6.16 6.00 12.93
N ILE A 122 -6.96 6.72 13.71
CA ILE A 122 -8.20 6.19 14.26
C ILE A 122 -9.28 7.26 14.15
N LEU A 123 -10.49 6.84 13.83
CA LEU A 123 -11.65 7.71 13.97
C LEU A 123 -12.62 6.97 14.89
N GLY A 124 -13.06 7.65 15.95
CA GLY A 124 -13.86 7.01 16.97
C GLY A 124 -15.09 7.83 17.24
N VAL A 125 -16.11 7.14 17.75
CA VAL A 125 -17.35 7.80 18.16
C VAL A 125 -17.67 7.39 19.59
N PHE A 126 -18.16 8.35 20.40
CA PHE A 126 -18.56 8.09 21.78
C PHE A 126 -20.00 8.53 21.95
N GLN A 127 -20.83 7.70 22.60
CA GLN A 127 -22.17 8.08 23.00
CA GLN A 127 -22.16 8.11 23.00
C GLN A 127 -22.15 8.41 24.49
N LEU A 128 -22.69 9.57 24.87
CA LEU A 128 -22.70 10.01 26.26
C LEU A 128 -24.14 10.25 26.70
N THR A 129 -24.47 9.77 27.89
CA THR A 129 -25.76 10.01 28.52
C THR A 129 -25.47 10.41 29.95
N GLU A 130 -25.93 11.59 30.36
CA GLU A 130 -25.71 12.08 31.72
C GLU A 130 -24.22 12.13 32.05
N GLY A 131 -23.40 12.48 31.06
CA GLY A 131 -21.97 12.59 31.29
C GLY A 131 -21.23 11.28 31.40
N LYS A 132 -21.87 10.15 31.07
CA LYS A 132 -21.28 8.83 31.15
C LYS A 132 -21.26 8.19 29.77
N ILE A 133 -20.22 7.41 29.49
CA ILE A 133 -20.09 6.78 28.18
C ILE A 133 -21.00 5.57 28.08
N THR A 134 -21.95 5.62 27.13
CA THR A 134 -22.85 4.51 26.85
C THR A 134 -22.49 3.78 25.56
N GLY A 135 -21.48 4.27 24.81
CA GLY A 135 -20.96 3.54 23.67
C GLY A 135 -19.63 4.13 23.24
N TRP A 136 -18.68 3.28 22.84
CA TRP A 136 -17.44 3.78 22.28
C TRP A 136 -17.00 2.82 21.18
N ARG A 137 -16.89 3.30 19.95
CA ARG A 137 -16.46 2.46 18.83
C ARG A 137 -15.32 3.18 18.10
N ASP A 138 -14.19 2.47 17.92
CA ASP A 138 -13.03 2.99 17.19
C ASP A 138 -12.93 2.30 15.85
N TYR A 139 -12.74 3.08 14.80
CA TYR A 139 -12.59 2.55 13.45
C TYR A 139 -11.17 2.80 12.96
N PHE A 140 -10.57 1.76 12.38
CA PHE A 140 -9.16 1.78 11.98
C PHE A 140 -8.85 0.48 11.23
N ASP A 141 -7.64 0.41 10.68
CA ASP A 141 -7.21 -0.78 9.96
C ASP A 141 -6.37 -1.66 10.91
N LEU A 142 -6.91 -2.83 11.27
CA LEU A 142 -6.20 -3.68 12.22
C LEU A 142 -4.93 -4.28 11.61
N ARG A 143 -5.00 -4.72 10.34
CA ARG A 143 -3.83 -5.35 9.73
C ARG A 143 -2.62 -4.41 9.71
N GLU A 144 -2.83 -3.14 9.35
CA GLU A 144 -1.69 -2.20 9.30
C GLU A 144 -1.02 -2.11 10.68
N PHE A 145 -1.81 -2.10 11.74
CA PHE A 145 -1.24 -2.07 13.08
C PHE A 145 -0.51 -3.39 13.38
N GLU A 146 -1.17 -4.54 13.10
CA GLU A 146 -0.56 -5.84 13.40
C GLU A 146 0.78 -6.00 12.71
N GLU A 147 0.82 -5.64 11.43
CA GLU A 147 2.05 -5.73 10.66
C GLU A 147 3.10 -4.75 11.15
N ALA A 148 2.67 -3.58 11.60
CA ALA A 148 3.63 -2.57 12.07
C ALA A 148 4.37 -3.02 13.33
N VAL A 149 3.67 -3.65 14.27
CA VAL A 149 4.24 -3.97 15.57
C VAL A 149 4.49 -5.46 15.74
N ASP A 150 4.22 -6.26 14.71
CA ASP A 150 4.47 -7.68 14.73
C ASP A 150 3.66 -8.38 15.81
N LEU A 151 2.40 -7.97 15.97
CA LEU A 151 1.50 -8.51 16.99
C LEU A 151 0.15 -8.81 16.35
N PRO A 152 -0.16 -10.06 16.04
CA PRO A 152 -1.52 -10.36 15.55
C PRO A 152 -2.52 -10.25 16.69
N LEU A 153 -3.71 -9.74 16.36
CA LEU A 153 -4.77 -9.69 17.34
C LEU A 153 -5.99 -10.44 16.87
N ARG A 154 -6.02 -10.79 15.59
CA ARG A 154 -7.12 -11.58 15.02
C ARG A 154 -6.48 -12.73 14.23
N GLY A 155 -6.61 -13.94 14.70
CA GLY A 155 -5.97 -15.06 14.03
C GLY A 155 -6.55 -15.39 12.66
N HIS B 2 -33.43 3.15 5.75
CA HIS B 2 -33.97 3.73 4.52
C HIS B 2 -34.06 2.73 3.36
N HIS B 3 -34.88 3.03 2.35
CA HIS B 3 -34.99 2.15 1.19
C HIS B 3 -33.75 2.26 0.32
N HIS B 4 -33.19 1.14 -0.08
CA HIS B 4 -31.96 1.16 -0.86
C HIS B 4 -32.17 0.81 -2.32
N HIS B 5 -33.40 0.44 -2.73
CA HIS B 5 -33.69 0.27 -4.16
C HIS B 5 -32.66 -0.64 -4.83
N HIS B 6 -32.23 -1.65 -4.10
CA HIS B 6 -31.27 -2.63 -4.63
C HIS B 6 -31.59 -3.95 -3.91
N HIS B 7 -32.48 -4.75 -4.53
CA HIS B 7 -33.16 -5.78 -3.75
C HIS B 7 -32.22 -6.90 -3.32
N THR B 8 -31.06 -7.02 -3.97
CA THR B 8 -30.11 -8.06 -3.61
C THR B 8 -29.30 -7.70 -2.35
N SER B 9 -29.42 -6.46 -1.89
CA SER B 9 -28.67 -5.97 -0.72
C SER B 9 -29.58 -5.93 0.50
N LYS B 10 -28.99 -6.09 1.68
CA LYS B 10 -29.76 -5.98 2.92
C LYS B 10 -28.81 -5.52 4.02
N ILE B 11 -29.19 -4.47 4.74
CA ILE B 11 -28.41 -3.92 5.84
C ILE B 11 -29.21 -4.08 7.12
N GLU B 12 -28.64 -4.79 8.08
CA GLU B 12 -29.23 -4.98 9.40
C GLU B 12 -28.93 -3.78 10.29
N GLN B 13 -29.84 -3.46 11.19
CA GLN B 13 -29.61 -2.36 12.13
C GLN B 13 -28.66 -2.84 13.23
N PRO B 14 -27.51 -2.20 13.44
CA PRO B 14 -26.63 -2.63 14.54
C PRO B 14 -27.32 -2.46 15.88
N ARG B 15 -26.98 -3.35 16.82
CA ARG B 15 -27.56 -3.22 18.15
C ARG B 15 -27.25 -1.86 18.76
N TRP B 16 -26.09 -1.29 18.45
CA TRP B 16 -25.67 -0.08 19.13
C TRP B 16 -26.19 1.18 18.45
N ALA B 17 -26.87 1.06 17.31
CA ALA B 17 -27.22 2.22 16.51
C ALA B 17 -28.48 2.84 17.05
N SER B 18 -28.47 4.17 17.15
CA SER B 18 -29.65 4.91 17.58
C SER B 18 -30.87 4.53 16.77
N LYS B 19 -32.01 4.34 17.44
CA LYS B 19 -33.28 4.07 16.79
C LYS B 19 -33.96 5.32 16.24
N ASP B 20 -33.52 6.52 16.65
CA ASP B 20 -34.19 7.76 16.30
C ASP B 20 -34.19 8.01 14.80
N SER B 21 -35.34 8.47 14.29
CA SER B 21 -35.44 8.85 12.88
C SER B 21 -34.44 9.94 12.52
N ALA B 22 -34.13 10.82 13.47
CA ALA B 22 -33.29 11.97 13.24
C ALA B 22 -31.80 11.67 13.39
N ALA B 23 -31.43 10.48 13.89
CA ALA B 23 -30.02 10.20 14.19
C ALA B 23 -29.17 10.28 12.93
N GLY B 24 -29.69 9.77 11.80
CA GLY B 24 -28.98 9.82 10.53
C GLY B 24 -29.56 10.83 9.57
N ALA B 25 -30.35 11.77 10.07
CA ALA B 25 -30.96 12.84 9.28
C ALA B 25 -30.16 14.12 9.43
N ALA B 26 -30.16 14.93 8.36
CA ALA B 26 -29.36 16.14 8.34
C ALA B 26 -30.04 17.26 9.14
N SER B 27 -29.27 17.90 10.02
CA SER B 27 -29.73 19.01 10.83
C SER B 27 -29.11 20.34 10.43
N THR B 28 -28.16 20.32 9.49
CA THR B 28 -27.48 21.53 9.05
C THR B 28 -27.24 21.44 7.55
N PRO B 29 -26.98 22.58 6.90
CA PRO B 29 -26.68 22.54 5.46
C PRO B 29 -25.51 21.64 5.09
N ASP B 30 -24.42 21.67 5.87
CA ASP B 30 -23.28 20.79 5.59
C ASP B 30 -23.69 19.32 5.71
N GLU B 31 -24.52 18.98 6.71
CA GLU B 31 -24.93 17.58 6.81
C GLU B 31 -25.80 17.19 5.63
N LYS B 32 -26.64 18.11 5.16
CA LYS B 32 -27.53 17.79 4.05
C LYS B 32 -26.75 17.50 2.78
N ILE B 33 -25.70 18.31 2.51
CA ILE B 33 -24.89 18.09 1.32
C ILE B 33 -24.16 16.76 1.41
N VAL B 34 -23.70 16.40 2.60
CA VAL B 34 -23.01 15.12 2.75
C VAL B 34 -23.96 13.96 2.51
N LEU B 35 -25.18 14.03 3.06
CA LEU B 35 -26.10 12.93 2.78
C LEU B 35 -26.49 12.88 1.31
N GLU B 36 -26.56 14.04 0.65
CA GLU B 36 -26.81 14.05 -0.78
C GLU B 36 -25.69 13.36 -1.53
N PHE B 37 -24.46 13.59 -1.09
CA PHE B 37 -23.29 12.95 -1.68
C PHE B 37 -23.32 11.45 -1.42
N MET B 38 -23.66 11.03 -0.20
CA MET B 38 -23.83 9.59 0.07
C MET B 38 -24.84 8.97 -0.89
N ASP B 39 -25.94 9.65 -1.15
CA ASP B 39 -26.95 9.15 -2.08
C ASP B 39 -26.38 9.01 -3.48
N ALA B 40 -25.52 9.95 -3.90
CA ALA B 40 -24.91 9.90 -5.22
C ALA B 40 -23.89 8.79 -5.38
N LEU B 41 -23.30 8.28 -4.29
CA LEU B 41 -22.23 7.29 -4.42
C LEU B 41 -22.65 6.07 -5.25
N THR B 42 -23.93 5.69 -5.19
CA THR B 42 -24.38 4.50 -5.93
C THR B 42 -24.43 4.70 -7.44
N SER B 43 -24.18 5.91 -7.94
CA SER B 43 -23.92 6.07 -9.37
C SER B 43 -22.64 5.38 -9.82
N ASN B 44 -21.67 5.13 -8.92
CA ASN B 44 -20.35 4.58 -9.30
C ASN B 44 -19.69 5.41 -10.40
N ASP B 45 -19.93 6.72 -10.40
CA ASP B 45 -19.49 7.57 -11.51
C ASP B 45 -18.58 8.65 -10.93
N ALA B 46 -17.25 8.45 -11.00
CA ALA B 46 -16.34 9.45 -10.44
C ALA B 46 -16.52 10.82 -11.09
N ALA B 47 -16.90 10.84 -12.38
CA ALA B 47 -17.04 12.11 -13.08
C ALA B 47 -18.25 12.90 -12.60
N LYS B 48 -19.28 12.22 -12.10
CA LYS B 48 -20.42 12.92 -11.51
C LYS B 48 -20.11 13.35 -10.07
N LEU B 49 -19.50 12.43 -9.31
CA LEU B 49 -19.20 12.69 -7.90
C LEU B 49 -18.17 13.81 -7.71
N ILE B 50 -17.22 13.97 -8.64
CA ILE B 50 -16.16 14.95 -8.42
C ILE B 50 -16.73 16.36 -8.36
N GLU B 51 -17.94 16.58 -8.94
CA GLU B 51 -18.60 17.88 -8.87
C GLU B 51 -18.87 18.33 -7.43
N TYR B 52 -18.86 17.41 -6.47
CA TYR B 52 -19.07 17.80 -5.08
C TYR B 52 -17.81 18.37 -4.43
N PHE B 53 -16.65 18.27 -5.09
CA PHE B 53 -15.38 18.59 -4.46
C PHE B 53 -14.87 19.95 -4.89
N ALA B 54 -14.22 20.63 -3.95
CA ALA B 54 -13.43 21.83 -4.23
C ALA B 54 -12.15 21.44 -4.97
N GLU B 55 -11.52 22.41 -5.64
CA GLU B 55 -10.23 22.13 -6.27
C GLU B 55 -9.18 21.74 -5.23
N ASP B 56 -9.11 22.47 -4.12
CA ASP B 56 -8.20 22.19 -3.02
C ASP B 56 -8.92 21.22 -2.10
N THR B 57 -8.64 19.95 -2.25
CA THR B 57 -9.45 18.91 -1.61
C THR B 57 -8.52 17.72 -1.41
N MET B 58 -9.00 16.70 -0.72
CA MET B 58 -8.24 15.46 -0.60
C MET B 58 -9.22 14.32 -0.31
N PHE B 59 -8.79 13.09 -0.62
CA PHE B 59 -9.56 11.89 -0.31
C PHE B 59 -8.60 10.84 0.25
N GLN B 60 -9.06 10.10 1.26
CA GLN B 60 -8.29 8.94 1.71
C GLN B 60 -9.22 7.90 2.33
N ALA B 61 -9.27 6.74 1.70
CA ALA B 61 -9.67 5.52 2.40
C ALA B 61 -8.47 5.13 3.26
N MET B 62 -8.58 5.25 4.58
CA MET B 62 -7.36 5.34 5.40
C MET B 62 -6.40 4.15 5.31
N PRO B 63 -6.82 2.90 5.02
CA PRO B 63 -5.83 1.82 4.83
C PRO B 63 -4.96 1.97 3.58
N LEU B 64 -5.27 2.89 2.68
CA LEU B 64 -4.63 3.11 1.39
C LEU B 64 -4.16 4.57 1.30
N PRO B 65 -3.23 4.89 0.40
CA PRO B 65 -2.59 6.21 0.45
C PRO B 65 -3.56 7.31 0.01
N PRO B 66 -3.34 8.54 0.49
CA PRO B 66 -4.26 9.64 0.18
C PRO B 66 -4.03 10.21 -1.21
N ALA B 67 -5.06 10.91 -1.69
CA ALA B 67 -5.03 11.63 -2.95
C ALA B 67 -5.25 13.10 -2.66
N TYR B 68 -4.36 13.96 -3.15
CA TYR B 68 -4.53 15.40 -2.91
C TYR B 68 -4.83 16.15 -4.19
N GLY B 69 -5.80 17.07 -4.12
CA GLY B 69 -6.27 17.82 -5.26
C GLY B 69 -7.33 17.12 -6.07
N ARG B 70 -8.19 17.91 -6.71
CA ARG B 70 -9.40 17.35 -7.30
C ARG B 70 -9.09 16.34 -8.40
N ASP B 71 -8.06 16.59 -9.22
CA ASP B 71 -7.71 15.66 -10.27
CA ASP B 71 -7.68 15.65 -10.28
C ASP B 71 -7.30 14.30 -9.70
N ALA B 72 -6.45 14.31 -8.67
CA ALA B 72 -6.00 13.06 -8.06
C ALA B 72 -7.16 12.34 -7.39
N VAL B 73 -8.07 13.09 -6.75
CA VAL B 73 -9.23 12.47 -6.12
C VAL B 73 -10.10 11.79 -7.16
N GLU B 74 -10.37 12.48 -8.27
CA GLU B 74 -11.16 11.87 -9.33
C GLU B 74 -10.48 10.62 -9.87
N GLN B 75 -9.17 10.68 -10.12
CA GLN B 75 -8.46 9.52 -10.65
C GLN B 75 -8.54 8.35 -9.68
N THR B 76 -8.39 8.64 -8.38
CA THR B 76 -8.43 7.60 -7.36
C THR B 76 -9.83 6.99 -7.25
N LEU B 77 -10.87 7.82 -7.22
CA LEU B 77 -12.25 7.31 -7.18
C LEU B 77 -12.57 6.51 -8.44
N ALA B 78 -12.13 6.98 -9.61
CA ALA B 78 -12.38 6.22 -10.83
C ALA B 78 -11.70 4.85 -10.77
N GLY B 79 -10.48 4.79 -10.18
CA GLY B 79 -9.81 3.51 -10.03
C GLY B 79 -10.57 2.55 -9.15
N LEU B 80 -11.09 3.04 -8.02
CA LEU B 80 -11.88 2.17 -7.15
C LEU B 80 -13.14 1.67 -7.87
N PHE B 81 -13.78 2.53 -8.66
CA PHE B 81 -15.00 2.09 -9.36
C PHE B 81 -14.69 1.13 -10.49
N THR B 82 -13.44 1.03 -10.92
CA THR B 82 -13.08 0.00 -11.85
C THR B 82 -13.23 -1.40 -11.24
N VAL B 83 -13.04 -1.55 -9.92
CA VAL B 83 -13.08 -2.87 -9.31
C VAL B 83 -14.19 -3.03 -8.28
N MET B 84 -14.88 -1.97 -7.88
CA MET B 84 -15.95 -2.10 -6.88
C MET B 84 -17.18 -1.30 -7.27
N SER B 85 -18.35 -1.84 -6.92
CA SER B 85 -19.60 -1.09 -7.00
C SER B 85 -20.08 -0.78 -5.58
N ILE B 86 -20.49 0.46 -5.37
CA ILE B 86 -21.20 0.80 -4.15
C ILE B 86 -22.68 0.49 -4.42
N ASP B 87 -23.18 -0.59 -3.82
CA ASP B 87 -24.56 -1.05 -4.05
C ASP B 87 -25.56 -0.35 -3.15
N ALA B 88 -25.15 0.04 -1.93
CA ALA B 88 -26.04 0.72 -1.00
C ALA B 88 -25.19 1.40 0.07
N VAL B 89 -25.73 2.47 0.66
CA VAL B 89 -25.13 3.16 1.79
C VAL B 89 -26.22 3.45 2.81
N GLU B 90 -26.02 3.06 4.06
CA GLU B 90 -26.92 3.46 5.14
C GLU B 90 -26.10 4.24 6.15
N THR B 91 -26.54 5.45 6.46
CA THR B 91 -25.86 6.30 7.43
C THR B 91 -26.68 6.21 8.72
N PHE B 92 -26.10 5.58 9.74
CA PHE B 92 -26.78 5.42 11.01
C PHE B 92 -26.71 6.68 11.84
N HIS B 93 -25.57 7.35 11.84
CA HIS B 93 -25.37 8.55 12.65
C HIS B 93 -24.69 9.59 11.78
N ILE B 94 -25.17 10.83 11.85
CA ILE B 94 -24.49 11.95 11.23
C ILE B 94 -24.43 13.08 12.23
N GLY B 95 -23.30 13.78 12.26
CA GLY B 95 -23.07 14.86 13.20
C GLY B 95 -22.06 15.82 12.60
N SER B 96 -21.88 16.97 13.25
CA SER B 96 -20.96 17.93 12.68
C SER B 96 -20.48 18.95 13.72
N SER B 97 -19.27 19.46 13.52
CA SER B 97 -18.71 20.59 14.28
C SER B 97 -17.56 21.20 13.49
N ASN B 98 -17.39 22.51 13.62
CA ASN B 98 -16.16 23.20 13.16
C ASN B 98 -15.87 22.97 11.66
N GLY B 99 -16.92 22.83 10.85
CA GLY B 99 -16.80 22.56 9.44
C GLY B 99 -16.52 21.11 9.05
N LEU B 100 -16.59 20.17 10.00
CA LEU B 100 -16.41 18.75 9.71
C LEU B 100 -17.73 18.02 9.91
N VAL B 101 -17.99 17.03 9.07
CA VAL B 101 -19.19 16.22 9.17
C VAL B 101 -18.74 14.79 9.38
N TYR B 102 -19.36 14.09 10.31
CA TYR B 102 -19.00 12.71 10.60
C TYR B 102 -20.18 11.82 10.26
N THR B 103 -19.90 10.68 9.61
CA THR B 103 -20.92 9.71 9.22
C THR B 103 -20.52 8.31 9.67
N GLU B 104 -21.36 7.69 10.50
CA GLU B 104 -21.18 6.29 10.87
C GLU B 104 -22.12 5.46 10.01
N ARG B 105 -21.55 4.60 9.16
CA ARG B 105 -22.33 4.00 8.08
C ARG B 105 -22.01 2.52 7.90
N VAL B 106 -22.84 1.86 7.07
CA VAL B 106 -22.48 0.60 6.44
C VAL B 106 -22.65 0.83 4.94
N ASP B 107 -21.58 0.62 4.17
CA ASP B 107 -21.63 0.60 2.72
C ASP B 107 -21.66 -0.85 2.26
N VAL B 108 -22.61 -1.19 1.39
CA VAL B 108 -22.63 -2.50 0.75
C VAL B 108 -21.77 -2.38 -0.50
N LEU B 109 -20.63 -3.06 -0.53
CA LEU B 109 -19.65 -2.93 -1.59
C LEU B 109 -19.48 -4.27 -2.26
N ARG B 110 -19.41 -4.26 -3.59
CA ARG B 110 -19.37 -5.48 -4.39
C ARG B 110 -18.13 -5.42 -5.28
N ALA B 111 -17.31 -6.45 -5.19
CA ALA B 111 -16.06 -6.56 -5.94
C ALA B 111 -16.38 -7.05 -7.34
N LEU B 112 -16.13 -6.22 -8.32
CA LEU B 112 -16.55 -6.62 -9.67
C LEU B 112 -15.78 -7.84 -10.19
N PRO B 113 -14.49 -8.01 -9.86
CA PRO B 113 -13.77 -9.18 -10.40
C PRO B 113 -14.25 -10.51 -9.85
N THR B 114 -14.82 -10.54 -8.65
CA THR B 114 -15.23 -11.80 -8.04
C THR B 114 -16.74 -11.96 -7.89
N GLY B 115 -17.52 -10.88 -8.02
CA GLY B 115 -18.95 -10.98 -7.81
C GLY B 115 -19.39 -10.99 -6.36
N LYS B 116 -18.46 -10.97 -5.41
CA LYS B 116 -18.77 -11.05 -3.99
C LYS B 116 -18.99 -9.67 -3.38
N SER B 117 -19.89 -9.59 -2.41
CA SER B 117 -20.17 -8.33 -1.74
C SER B 117 -19.98 -8.47 -0.23
N TYR B 118 -19.86 -7.32 0.44
CA TYR B 118 -19.64 -7.27 1.88
C TYR B 118 -20.29 -6.02 2.44
N ASN B 119 -20.90 -6.14 3.62
CA ASN B 119 -21.46 -4.98 4.33
C ASN B 119 -20.37 -4.39 5.22
N LEU B 120 -19.79 -3.26 4.81
CA LEU B 120 -18.59 -2.75 5.46
C LEU B 120 -18.93 -1.63 6.44
N SER B 121 -18.51 -1.84 7.71
CA SER B 121 -18.64 -0.83 8.76
C SER B 121 -17.62 0.29 8.54
N ILE B 122 -18.09 1.50 8.40
CA ILE B 122 -17.23 2.65 8.10
C ILE B 122 -17.59 3.80 9.02
N LEU B 123 -16.59 4.55 9.46
CA LEU B 123 -16.80 5.86 10.09
C LEU B 123 -15.99 6.83 9.27
N GLY B 124 -16.66 7.84 8.70
CA GLY B 124 -16.00 8.73 7.76
C GLY B 124 -16.15 10.17 8.20
N VAL B 125 -15.28 11.04 7.67
CA VAL B 125 -15.29 12.44 8.03
C VAL B 125 -15.17 13.24 6.75
N PHE B 126 -15.91 14.34 6.69
CA PHE B 126 -15.92 15.26 5.55
C PHE B 126 -15.62 16.67 6.05
N GLN B 127 -14.75 17.37 5.34
CA GLN B 127 -14.51 18.80 5.60
C GLN B 127 -15.11 19.55 4.42
N LEU B 128 -15.90 20.57 4.74
CA LEU B 128 -16.60 21.37 3.74
C LEU B 128 -16.22 22.83 3.87
N THR B 129 -15.95 23.45 2.73
CA THR B 129 -15.73 24.88 2.65
C THR B 129 -16.72 25.41 1.63
N GLU B 130 -17.59 26.31 2.08
CA GLU B 130 -18.67 26.83 1.25
C GLU B 130 -19.38 25.74 0.45
N GLY B 131 -19.82 24.69 1.16
CA GLY B 131 -20.65 23.69 0.53
C GLY B 131 -19.92 22.70 -0.37
N LYS B 132 -18.59 22.81 -0.50
CA LYS B 132 -17.80 21.92 -1.34
C LYS B 132 -16.88 21.08 -0.47
N ILE B 133 -16.63 19.84 -0.89
CA ILE B 133 -15.82 18.90 -0.11
C ILE B 133 -14.33 19.25 -0.25
N THR B 134 -13.69 19.59 0.86
CA THR B 134 -12.26 19.81 0.86
C THR B 134 -11.47 18.65 1.48
N GLY B 135 -12.15 17.69 2.07
CA GLY B 135 -11.51 16.49 2.58
C GLY B 135 -12.59 15.43 2.82
N TRP B 136 -12.23 14.18 2.53
CA TRP B 136 -13.10 13.03 2.80
C TRP B 136 -12.17 11.90 3.20
N ARG B 137 -12.30 11.42 4.45
CA ARG B 137 -11.51 10.29 4.91
C ARG B 137 -12.44 9.25 5.51
N ASP B 138 -12.31 8.00 5.06
CA ASP B 138 -13.15 6.89 5.54
C ASP B 138 -12.27 5.93 6.31
N TYR B 139 -12.68 5.57 7.52
CA TYR B 139 -11.91 4.68 8.39
C TYR B 139 -12.66 3.36 8.49
N PHE B 140 -11.93 2.27 8.32
CA PHE B 140 -12.52 0.93 8.30
C PHE B 140 -11.37 -0.08 8.26
N ASP B 141 -11.74 -1.36 8.40
CA ASP B 141 -10.78 -2.46 8.34
C ASP B 141 -10.74 -3.03 6.92
N LEU B 142 -9.61 -2.84 6.23
CA LEU B 142 -9.49 -3.33 4.86
C LEU B 142 -9.44 -4.85 4.81
N ARG B 143 -8.73 -5.49 5.75
CA ARG B 143 -8.54 -6.94 5.64
C ARG B 143 -9.86 -7.69 5.64
N GLU B 144 -10.78 -7.35 6.57
CA GLU B 144 -12.03 -8.10 6.62
C GLU B 144 -12.82 -7.92 5.33
N PHE B 145 -12.74 -6.76 4.70
CA PHE B 145 -13.39 -6.60 3.41
C PHE B 145 -12.74 -7.47 2.34
N GLU B 146 -11.41 -7.33 2.18
CA GLU B 146 -10.66 -8.14 1.21
C GLU B 146 -10.93 -9.64 1.35
N GLU B 147 -10.99 -10.13 2.58
CA GLU B 147 -11.20 -11.56 2.77
C GLU B 147 -12.63 -11.98 2.40
N ALA B 148 -13.63 -11.15 2.73
CA ALA B 148 -15.00 -11.47 2.34
C ALA B 148 -15.18 -11.48 0.83
N VAL B 149 -14.52 -10.60 0.10
CA VAL B 149 -14.77 -10.51 -1.34
C VAL B 149 -13.62 -11.05 -2.18
N ASP B 150 -12.57 -11.54 -1.54
CA ASP B 150 -11.43 -12.10 -2.26
C ASP B 150 -10.87 -11.08 -3.26
N LEU B 151 -10.56 -9.89 -2.75
CA LEU B 151 -10.01 -8.81 -3.57
C LEU B 151 -8.97 -8.03 -2.78
N PRO B 152 -7.69 -8.39 -2.90
CA PRO B 152 -6.64 -7.58 -2.29
C PRO B 152 -6.53 -6.24 -3.02
N LEU B 153 -6.42 -5.16 -2.23
CA LEU B 153 -6.46 -3.81 -2.78
C LEU B 153 -5.21 -3.00 -2.52
N ARG B 154 -4.20 -3.53 -1.81
CA ARG B 154 -3.03 -2.72 -1.50
C ARG B 154 -2.01 -2.65 -2.63
N GLY B 155 -1.99 -3.60 -3.56
CA GLY B 155 -1.09 -3.47 -4.69
C GLY B 155 -0.20 -4.67 -4.95
N HIS C 4 33.55 -6.26 0.77
CA HIS C 4 32.27 -6.09 1.46
C HIS C 4 32.46 -6.06 2.98
N HIS C 5 33.70 -6.26 3.45
CA HIS C 5 34.01 -6.12 4.87
C HIS C 5 33.06 -6.96 5.73
N HIS C 6 32.77 -8.17 5.25
CA HIS C 6 31.95 -9.15 5.98
C HIS C 6 32.45 -10.51 5.54
N HIS C 7 33.44 -11.03 6.28
CA HIS C 7 34.25 -12.13 5.72
C HIS C 7 33.48 -13.42 5.54
N THR C 8 32.35 -13.60 6.21
CA THR C 8 31.51 -14.78 6.02
C THR C 8 30.67 -14.75 4.76
N SER C 9 30.56 -13.59 4.10
CA SER C 9 29.80 -13.43 2.86
C SER C 9 30.73 -13.49 1.65
N LYS C 10 30.17 -13.89 0.50
CA LYS C 10 30.93 -13.94 -0.77
C LYS C 10 29.93 -13.86 -1.92
N ILE C 11 30.11 -12.88 -2.81
CA ILE C 11 29.25 -12.66 -3.96
C ILE C 11 30.05 -13.01 -5.23
N GLU C 12 29.53 -13.92 -6.04
CA GLU C 12 30.16 -14.26 -7.32
C GLU C 12 29.78 -13.26 -8.42
N GLN C 13 30.72 -12.99 -9.30
CA GLN C 13 30.43 -12.19 -10.47
C GLN C 13 29.42 -12.90 -11.35
N PRO C 14 28.35 -12.26 -11.78
CA PRO C 14 27.39 -12.94 -12.67
C PRO C 14 27.97 -13.11 -14.07
N ARG C 15 27.64 -14.23 -14.67
CA ARG C 15 28.14 -14.52 -16.01
C ARG C 15 27.77 -13.40 -17.00
N TRP C 16 26.68 -12.69 -16.76
CA TRP C 16 26.15 -11.77 -17.76
C TRP C 16 26.50 -10.30 -17.52
N ALA C 17 27.41 -10.00 -16.59
CA ALA C 17 27.74 -8.61 -16.30
C ALA C 17 28.27 -7.90 -17.54
N SER C 18 28.03 -6.59 -17.61
CA SER C 18 28.34 -5.82 -18.81
C SER C 18 29.84 -5.73 -19.00
N LYS C 19 30.28 -5.80 -20.27
CA LYS C 19 31.70 -5.58 -20.59
C LYS C 19 32.07 -4.10 -20.52
N ASP C 20 31.08 -3.20 -20.39
CA ASP C 20 31.31 -1.77 -20.25
C ASP C 20 31.78 -1.49 -18.83
N SER C 21 33.00 -0.96 -18.67
CA SER C 21 33.51 -0.78 -17.33
C SER C 21 32.76 0.30 -16.55
N ALA C 22 31.97 1.13 -17.21
CA ALA C 22 31.23 2.21 -16.56
C ALA C 22 29.82 1.82 -16.15
N ALA C 23 29.39 0.60 -16.50
CA ALA C 23 28.02 0.18 -16.21
C ALA C 23 27.78 0.13 -14.70
N GLY C 24 28.78 -0.26 -13.93
CA GLY C 24 28.64 -0.27 -12.50
C GLY C 24 29.02 1.02 -11.79
N ALA C 25 29.39 2.07 -12.53
CA ALA C 25 29.76 3.36 -11.94
C ALA C 25 28.56 4.30 -11.92
N ALA C 26 28.43 5.08 -10.84
CA ALA C 26 27.48 6.19 -10.88
C ALA C 26 28.00 7.26 -11.83
N SER C 27 27.10 7.82 -12.64
CA SER C 27 27.42 8.85 -13.61
C SER C 27 26.66 10.14 -13.38
N THR C 28 25.81 10.19 -12.37
CA THR C 28 24.99 11.36 -12.11
C THR C 28 24.91 11.54 -10.61
N PRO C 29 24.52 12.73 -10.15
CA PRO C 29 24.34 12.91 -8.70
C PRO C 29 23.32 11.96 -8.08
N ASP C 30 22.20 11.74 -8.75
CA ASP C 30 21.18 10.82 -8.21
C ASP C 30 21.71 9.39 -8.13
N GLU C 31 22.47 8.95 -9.15
CA GLU C 31 23.03 7.61 -9.09
C GLU C 31 24.04 7.50 -7.95
N LYS C 32 24.80 8.55 -7.69
CA LYS C 32 25.78 8.53 -6.57
C LYS C 32 25.04 8.37 -5.23
N ILE C 33 23.93 9.09 -5.08
CA ILE C 33 23.16 9.00 -3.84
C ILE C 33 22.65 7.59 -3.67
N VAL C 34 22.21 6.96 -4.75
CA VAL C 34 21.66 5.62 -4.63
C VAL C 34 22.77 4.63 -4.24
N LEU C 35 23.97 4.75 -4.84
CA LEU C 35 25.06 3.87 -4.41
C LEU C 35 25.45 4.14 -2.96
N GLU C 36 25.39 5.40 -2.51
CA GLU C 36 25.62 5.69 -1.10
CA GLU C 36 25.62 5.69 -1.10
C GLU C 36 24.62 4.98 -0.22
N PHE C 37 23.34 5.02 -0.62
CA PHE C 37 22.28 4.34 0.11
C PHE C 37 22.54 2.82 0.13
N MET C 38 22.89 2.23 -1.00
CA MET C 38 23.25 0.81 -1.00
C MET C 38 24.35 0.52 0.01
N ASP C 39 25.39 1.34 0.03
CA ASP C 39 26.47 1.12 1.01
C ASP C 39 25.95 1.19 2.43
N ALA C 40 24.96 2.05 2.68
CA ALA C 40 24.43 2.27 4.03
C ALA C 40 23.55 1.13 4.50
N LEU C 41 22.95 0.36 3.56
CA LEU C 41 22.02 -0.71 3.94
C LEU C 41 22.57 -1.66 5.01
N THR C 42 23.87 -1.94 5.00
CA THR C 42 24.41 -2.96 5.92
C THR C 42 24.41 -2.46 7.38
N SER C 43 24.04 -1.21 7.62
CA SER C 43 23.79 -0.77 8.99
C SER C 43 22.60 -1.50 9.60
N ASN C 44 21.70 -2.06 8.78
CA ASN C 44 20.48 -2.68 9.27
C ASN C 44 19.73 -1.74 10.21
N ASP C 45 19.76 -0.43 9.96
CA ASP C 45 19.23 0.53 10.93
C ASP C 45 18.22 1.42 10.21
N ALA C 46 16.93 1.09 10.36
CA ALA C 46 15.88 1.85 9.66
C ALA C 46 15.88 3.31 10.11
N ALA C 47 16.15 3.55 11.39
CA ALA C 47 16.13 4.93 11.88
C ALA C 47 17.21 5.76 11.19
N LYS C 48 18.35 5.15 10.84
CA LYS C 48 19.36 5.88 10.08
C LYS C 48 19.00 5.96 8.60
N LEU C 49 18.56 4.85 8.02
CA LEU C 49 18.33 4.80 6.57
C LEU C 49 17.16 5.70 6.15
N ILE C 50 16.21 5.96 7.04
CA ILE C 50 15.06 6.74 6.63
C ILE C 50 15.49 8.18 6.32
N GLU C 51 16.67 8.60 6.79
CA GLU C 51 17.15 9.94 6.45
C GLU C 51 17.32 10.16 4.94
N TYR C 52 17.51 9.08 4.16
CA TYR C 52 17.60 9.22 2.71
C TYR C 52 16.25 9.50 2.05
N PHE C 53 15.14 9.41 2.77
CA PHE C 53 13.83 9.43 2.13
C PHE C 53 13.13 10.75 2.31
N ALA C 54 12.33 11.12 1.31
CA ALA C 54 11.42 12.26 1.41
C ALA C 54 10.22 11.93 2.30
N GLU C 55 9.51 12.98 2.75
CA GLU C 55 8.28 12.78 3.52
C GLU C 55 7.24 12.03 2.69
N ASP C 56 7.01 12.48 1.48
CA ASP C 56 6.12 11.81 0.54
CA ASP C 56 6.11 11.79 0.55
C ASP C 56 6.97 10.80 -0.23
N THR C 57 6.86 9.54 0.13
CA THR C 57 7.73 8.50 -0.42
C THR C 57 6.97 7.18 -0.36
N MET C 58 7.58 6.11 -0.88
CA MET C 58 6.99 4.79 -0.79
C MET C 58 8.10 3.76 -0.93
N PHE C 59 7.84 2.56 -0.42
CA PHE C 59 8.72 1.41 -0.51
C PHE C 59 7.91 0.17 -0.84
N GLN C 60 8.41 -0.66 -1.74
CA GLN C 60 7.79 -1.98 -1.89
C GLN C 60 8.84 -3.00 -2.32
N ALA C 61 9.00 -4.05 -1.53
CA ALA C 61 9.55 -5.31 -2.03
C ALA C 61 8.41 -6.00 -2.78
N MET C 62 8.52 -6.07 -4.10
CA MET C 62 7.32 -6.27 -4.91
C MET C 62 6.49 -7.52 -4.59
N PRO C 63 7.04 -8.61 -4.04
CA PRO C 63 6.17 -9.75 -3.65
C PRO C 63 5.32 -9.49 -2.41
N LEU C 64 5.53 -8.37 -1.74
CA LEU C 64 4.88 -8.02 -0.48
C LEU C 64 4.20 -6.67 -0.61
N PRO C 65 3.34 -6.33 0.36
CA PRO C 65 2.57 -5.08 0.25
C PRO C 65 3.45 -3.85 0.32
N PRO C 66 3.09 -2.78 -0.39
CA PRO C 66 3.85 -1.52 -0.30
C PRO C 66 3.59 -0.80 1.01
N ALA C 67 4.48 0.15 1.30
CA ALA C 67 4.30 1.09 2.41
C ALA C 67 4.34 2.48 1.80
N TYR C 68 3.38 3.33 2.17
CA TYR C 68 3.34 4.69 1.65
C TYR C 68 3.51 5.70 2.77
N GLY C 69 4.31 6.71 2.51
CA GLY C 69 4.62 7.75 3.48
C GLY C 69 5.80 7.36 4.33
N ARG C 70 6.56 8.38 4.74
CA ARG C 70 7.89 8.12 5.31
C ARG C 70 7.81 7.28 6.59
N ASP C 71 6.86 7.58 7.51
CA ASP C 71 6.79 6.78 8.75
C ASP C 71 6.47 5.31 8.45
N ALA C 72 5.58 5.05 7.46
CA ALA C 72 5.29 3.66 7.10
C ALA C 72 6.51 2.98 6.48
N VAL C 73 7.25 3.70 5.65
CA VAL C 73 8.46 3.12 5.09
C VAL C 73 9.45 2.75 6.20
N GLU C 74 9.66 3.66 7.15
CA GLU C 74 10.56 3.34 8.26
C GLU C 74 10.09 2.13 9.04
N GLN C 75 8.77 2.07 9.32
CA GLN C 75 8.22 0.96 10.08
C GLN C 75 8.41 -0.35 9.34
N THR C 76 8.19 -0.34 8.04
CA THR C 76 8.31 -1.55 7.24
C THR C 76 9.76 -2.04 7.18
N LEU C 77 10.68 -1.13 6.86
CA LEU C 77 12.12 -1.47 6.90
C LEU C 77 12.54 -1.99 8.28
N ALA C 78 12.12 -1.30 9.35
CA ALA C 78 12.47 -1.78 10.69
C ALA C 78 11.97 -3.21 10.89
N GLY C 79 10.78 -3.51 10.35
CA GLY C 79 10.22 -4.84 10.50
C GLY C 79 11.03 -5.89 9.77
N LEU C 80 11.50 -5.53 8.56
CA LEU C 80 12.36 -6.45 7.81
C LEU C 80 13.69 -6.66 8.53
N PHE C 81 14.26 -5.60 9.13
CA PHE C 81 15.50 -5.74 9.89
C PHE C 81 15.32 -6.55 11.17
N THR C 82 14.09 -6.70 11.67
CA THR C 82 13.88 -7.59 12.80
C THR C 82 14.15 -9.04 12.44
N VAL C 83 13.92 -9.43 11.19
CA VAL C 83 14.09 -10.83 10.80
C VAL C 83 15.22 -11.06 9.83
N MET C 84 15.80 -10.02 9.23
CA MET C 84 16.85 -10.25 8.24
C MET C 84 17.98 -9.24 8.42
N SER C 85 19.19 -9.70 8.25
CA SER C 85 20.35 -8.83 8.15
C SER C 85 20.75 -8.71 6.69
N ILE C 86 20.96 -7.50 6.22
CA ILE C 86 21.67 -7.29 4.97
C ILE C 86 23.18 -7.41 5.25
N ASP C 87 23.81 -8.50 4.81
CA ASP C 87 25.24 -8.72 5.10
C ASP C 87 26.15 -8.07 4.07
N ALA C 88 25.67 -7.89 2.84
CA ALA C 88 26.50 -7.33 1.78
C ALA C 88 25.60 -7.02 0.60
N VAL C 89 25.95 -5.99 -0.16
CA VAL C 89 25.23 -5.61 -1.38
C VAL C 89 26.26 -5.35 -2.46
N GLU C 90 26.07 -5.93 -3.63
CA GLU C 90 26.91 -5.61 -4.78
C GLU C 90 26.00 -5.13 -5.89
N THR C 91 26.26 -3.91 -6.40
CA THR C 91 25.47 -3.38 -7.51
C THR C 91 26.31 -3.53 -8.79
N PHE C 92 25.90 -4.46 -9.65
CA PHE C 92 26.62 -4.72 -10.89
C PHE C 92 26.33 -3.67 -11.96
N HIS C 93 25.08 -3.21 -12.05
CA HIS C 93 24.70 -2.25 -13.07
C HIS C 93 23.85 -1.16 -12.44
N ILE C 94 24.06 0.07 -12.87
CA ILE C 94 23.26 1.19 -12.42
C ILE C 94 23.09 2.10 -13.60
N GLY C 95 21.88 2.62 -13.76
CA GLY C 95 21.60 3.55 -14.84
C GLY C 95 20.44 4.40 -14.41
N SER C 96 20.02 5.32 -15.27
CA SER C 96 18.93 6.18 -14.84
C SER C 96 18.33 6.91 -16.03
N SER C 97 17.06 7.31 -15.89
CA SER C 97 16.43 8.22 -16.84
CA SER C 97 16.45 8.24 -16.80
C SER C 97 15.20 8.80 -16.17
N ASN C 98 14.86 10.04 -16.55
CA ASN C 98 13.60 10.68 -16.14
C ASN C 98 13.41 10.73 -14.62
N GLY C 99 14.49 10.82 -13.86
CA GLY C 99 14.38 10.85 -12.41
C GLY C 99 14.25 9.50 -11.75
N LEU C 100 14.45 8.41 -12.49
CA LEU C 100 14.42 7.06 -11.95
C LEU C 100 15.78 6.42 -12.08
N VAL C 101 16.23 5.77 -11.00
CA VAL C 101 17.52 5.09 -10.96
C VAL C 101 17.28 3.59 -10.82
N TYR C 102 18.01 2.79 -11.61
CA TYR C 102 17.83 1.34 -11.65
C TYR C 102 19.11 0.68 -11.18
N THR C 103 19.02 -0.34 -10.33
CA THR C 103 20.21 -1.04 -9.81
C THR C 103 19.99 -2.52 -9.98
N GLU C 104 20.91 -3.19 -10.71
CA GLU C 104 20.92 -4.65 -10.78
C GLU C 104 21.94 -5.19 -9.78
N ARG C 105 21.46 -5.94 -8.77
CA ARG C 105 22.23 -6.22 -7.57
C ARG C 105 22.18 -7.70 -7.19
N VAL C 106 23.13 -8.08 -6.32
CA VAL C 106 23.01 -9.24 -5.45
C VAL C 106 23.12 -8.70 -4.04
N ASP C 107 22.12 -8.97 -3.23
CA ASP C 107 22.15 -8.69 -1.81
C ASP C 107 22.32 -10.01 -1.09
N VAL C 108 23.27 -10.08 -0.15
CA VAL C 108 23.43 -11.25 0.72
C VAL C 108 22.55 -11.02 1.95
N LEU C 109 21.49 -11.83 2.09
CA LEU C 109 20.50 -11.63 3.14
C LEU C 109 20.52 -12.82 4.09
N ARG C 110 20.52 -12.53 5.40
CA ARG C 110 20.64 -13.57 6.40
C ARG C 110 19.41 -13.53 7.28
N ALA C 111 18.71 -14.66 7.38
CA ALA C 111 17.50 -14.75 8.19
C ALA C 111 17.92 -14.91 9.65
N LEU C 112 17.56 -13.94 10.49
CA LEU C 112 17.96 -14.03 11.89
C LEU C 112 17.31 -15.19 12.64
N PRO C 113 16.03 -15.52 12.41
CA PRO C 113 15.46 -16.66 13.17
C PRO C 113 16.15 -17.98 12.89
N THR C 114 16.69 -18.19 11.68
CA THR C 114 17.26 -19.49 11.30
C THR C 114 18.77 -19.49 11.12
N GLY C 115 19.40 -18.32 11.01
CA GLY C 115 20.82 -18.24 10.74
C GLY C 115 21.22 -18.60 9.33
N LYS C 116 20.28 -18.87 8.45
CA LYS C 116 20.61 -19.23 7.06
C LYS C 116 20.69 -17.98 6.20
N SER C 117 21.51 -18.03 5.17
CA SER C 117 21.65 -16.85 4.31
C SER C 117 21.53 -17.26 2.84
N TYR C 118 21.25 -16.26 1.99
CA TYR C 118 21.05 -16.49 0.55
C TYR C 118 21.53 -15.28 -0.23
N ASN C 119 22.20 -15.52 -1.35
CA ASN C 119 22.61 -14.46 -2.27
C ASN C 119 21.45 -14.24 -3.24
N LEU C 120 20.73 -13.15 -3.07
CA LEU C 120 19.48 -12.96 -3.80
C LEU C 120 19.69 -11.98 -4.95
N SER C 121 19.29 -12.39 -6.16
CA SER C 121 19.35 -11.51 -7.33
C SER C 121 18.16 -10.54 -7.33
N ILE C 122 18.46 -9.24 -7.38
CA ILE C 122 17.44 -8.20 -7.25
C ILE C 122 17.65 -7.16 -8.34
N LEU C 123 16.56 -6.70 -8.94
CA LEU C 123 16.61 -5.53 -9.79
C LEU C 123 15.70 -4.52 -9.12
N GLY C 124 16.21 -3.31 -8.86
CA GLY C 124 15.46 -2.33 -8.10
C GLY C 124 15.40 -1.01 -8.84
N VAL C 125 14.39 -0.20 -8.50
CA VAL C 125 14.20 1.10 -9.09
C VAL C 125 14.00 2.11 -7.97
N PHE C 126 14.56 3.31 -8.15
CA PHE C 126 14.51 4.38 -7.17
C PHE C 126 14.04 5.65 -7.86
N GLN C 127 13.10 6.35 -7.25
CA GLN C 127 12.68 7.67 -7.69
C GLN C 127 13.25 8.68 -6.72
N LEU C 128 13.86 9.73 -7.25
CA LEU C 128 14.45 10.76 -6.40
C LEU C 128 13.91 12.12 -6.83
N THR C 129 13.60 12.96 -5.84
CA THR C 129 13.21 14.34 -6.08
C THR C 129 14.11 15.16 -5.19
N GLU C 130 14.87 16.07 -5.78
CA GLU C 130 15.77 16.90 -5.00
C GLU C 130 16.64 16.08 -4.04
N GLY C 131 17.21 14.99 -4.55
CA GLY C 131 18.18 14.23 -3.78
C GLY C 131 17.61 13.29 -2.73
N LYS C 132 16.31 13.25 -2.57
CA LYS C 132 15.66 12.40 -1.57
C LYS C 132 14.85 11.32 -2.28
N ILE C 133 14.76 10.14 -1.65
CA ILE C 133 14.06 9.02 -2.25
C ILE C 133 12.56 9.19 -2.07
N THR C 134 11.84 9.25 -3.19
CA THR C 134 10.37 9.27 -3.17
C THR C 134 9.75 7.92 -3.53
N GLY C 135 10.55 6.94 -3.93
CA GLY C 135 10.02 5.62 -4.19
C GLY C 135 11.19 4.67 -4.37
N TRP C 136 10.99 3.45 -3.87
CA TRP C 136 12.00 2.41 -3.94
C TRP C 136 11.24 1.09 -4.07
N ARG C 137 11.40 0.41 -5.21
CA ARG C 137 10.79 -0.89 -5.43
C ARG C 137 11.87 -1.90 -5.85
N ASP C 138 11.94 -3.03 -5.14
CA ASP C 138 12.87 -4.12 -5.46
C ASP C 138 12.08 -5.29 -6.02
N TYR C 139 12.52 -5.82 -7.16
CA TYR C 139 11.90 -6.95 -7.83
C TYR C 139 12.79 -8.18 -7.70
N PHE C 140 12.20 -9.31 -7.31
CA PHE C 140 12.96 -10.53 -7.08
C PHE C 140 11.95 -11.65 -6.83
N ASP C 141 12.46 -12.88 -6.73
CA ASP C 141 11.61 -14.03 -6.45
C ASP C 141 11.61 -14.36 -4.95
N LEU C 142 10.44 -14.21 -4.32
CA LEU C 142 10.41 -14.39 -2.88
C LEU C 142 10.50 -15.88 -2.49
N ARG C 143 9.86 -16.77 -3.27
CA ARG C 143 9.82 -18.17 -2.83
C ARG C 143 11.21 -18.75 -2.77
N GLU C 144 12.04 -18.41 -3.76
CA GLU C 144 13.43 -18.85 -3.82
C GLU C 144 14.15 -18.49 -2.54
N PHE C 145 14.00 -17.25 -2.11
CA PHE C 145 14.64 -16.80 -0.88
C PHE C 145 14.08 -17.52 0.35
N GLU C 146 12.74 -17.57 0.47
CA GLU C 146 12.11 -18.21 1.63
C GLU C 146 12.55 -19.66 1.81
N GLU C 147 12.59 -20.41 0.72
CA GLU C 147 12.97 -21.81 0.84
C GLU C 147 14.45 -21.94 1.20
N ALA C 148 15.29 -21.06 0.66
CA ALA C 148 16.71 -21.10 0.97
C ALA C 148 16.97 -20.84 2.45
N VAL C 149 16.25 -19.93 3.07
CA VAL C 149 16.58 -19.56 4.45
C VAL C 149 15.55 -20.04 5.45
N ASP C 150 14.47 -20.69 5.00
CA ASP C 150 13.40 -21.21 5.87
C ASP C 150 12.75 -20.08 6.65
N LEU C 151 12.38 -19.02 5.93
CA LEU C 151 11.73 -17.84 6.51
C LEU C 151 10.55 -17.45 5.62
N PRO C 152 9.36 -18.02 5.86
CA PRO C 152 8.16 -17.58 5.11
C PRO C 152 7.79 -16.16 5.49
N LEU C 153 7.72 -15.26 4.51
CA LEU C 153 7.48 -13.84 4.78
C LEU C 153 6.11 -13.32 4.43
N ARG C 154 5.31 -14.07 3.66
CA ARG C 154 3.98 -13.60 3.30
C ARG C 154 2.98 -13.66 4.45
N ILE D 11 -4.24 -1.08 -18.33
CA ILE D 11 -4.01 -1.38 -16.92
C ILE D 11 -4.04 -0.09 -16.12
N GLU D 12 -4.75 -0.08 -15.00
CA GLU D 12 -4.74 1.07 -14.11
C GLU D 12 -3.31 1.42 -13.73
N GLN D 13 -2.99 2.71 -13.84
CA GLN D 13 -1.64 3.16 -13.49
C GLN D 13 -1.40 2.98 -11.99
N PRO D 14 -0.30 2.34 -11.59
CA PRO D 14 0.03 2.27 -10.16
C PRO D 14 0.12 3.65 -9.55
N ARG D 15 -0.24 3.75 -8.26
CA ARG D 15 -0.12 5.03 -7.56
C ARG D 15 1.29 5.58 -7.66
N TRP D 16 2.30 4.72 -7.74
CA TRP D 16 3.68 5.18 -7.75
C TRP D 16 4.22 5.50 -9.15
N ALA D 17 3.42 5.35 -10.21
CA ALA D 17 3.95 5.54 -11.56
C ALA D 17 4.29 7.00 -11.78
N SER D 18 5.41 7.24 -12.45
CA SER D 18 5.83 8.60 -12.74
C SER D 18 4.79 9.32 -13.61
N LYS D 19 4.57 10.60 -13.33
CA LYS D 19 3.73 11.41 -14.19
C LYS D 19 4.55 12.28 -15.14
N ASP D 20 5.85 12.06 -15.20
CA ASP D 20 6.68 12.69 -16.22
C ASP D 20 6.22 12.16 -17.58
N SER D 21 5.76 13.05 -18.48
CA SER D 21 5.19 12.54 -19.73
C SER D 21 6.20 11.75 -20.56
N ALA D 22 7.48 11.81 -20.23
CA ALA D 22 8.51 11.10 -20.97
C ALA D 22 8.90 9.79 -20.31
N ALA D 23 8.35 9.48 -19.14
CA ALA D 23 8.90 8.35 -18.39
C ALA D 23 8.68 7.04 -19.14
N GLY D 24 7.54 6.91 -19.82
CA GLY D 24 7.25 5.70 -20.55
C GLY D 24 7.66 5.76 -21.99
N ALA D 25 8.31 6.84 -22.41
CA ALA D 25 8.68 7.06 -23.79
C ALA D 25 10.15 6.79 -23.98
N ALA D 26 10.51 6.29 -25.17
CA ALA D 26 11.90 6.07 -25.49
C ALA D 26 12.57 7.41 -25.81
N SER D 27 13.76 7.60 -25.28
CA SER D 27 14.52 8.80 -25.62
C SER D 27 15.69 8.54 -26.54
N THR D 28 16.05 7.28 -26.77
CA THR D 28 17.23 6.89 -27.54
C THR D 28 16.87 5.81 -28.55
N PRO D 29 17.74 5.57 -29.53
CA PRO D 29 17.45 4.49 -30.49
C PRO D 29 17.39 3.12 -29.85
N ASP D 30 18.26 2.85 -28.88
CA ASP D 30 18.21 1.59 -28.13
C ASP D 30 16.88 1.43 -27.40
N GLU D 31 16.43 2.49 -26.73
CA GLU D 31 15.15 2.40 -26.02
C GLU D 31 13.99 2.20 -26.98
N LYS D 32 14.08 2.81 -28.18
CA LYS D 32 13.03 2.60 -29.17
C LYS D 32 12.99 1.14 -29.60
N ILE D 33 14.17 0.54 -29.82
CA ILE D 33 14.24 -0.89 -30.14
C ILE D 33 13.57 -1.73 -29.06
N VAL D 34 13.87 -1.43 -27.80
CA VAL D 34 13.27 -2.20 -26.72
C VAL D 34 11.74 -2.06 -26.71
N LEU D 35 11.22 -0.83 -26.91
CA LEU D 35 9.76 -0.69 -26.97
C LEU D 35 9.17 -1.45 -28.14
N GLU D 36 9.88 -1.46 -29.28
CA GLU D 36 9.40 -2.23 -30.44
C GLU D 36 9.41 -3.71 -30.13
N PHE D 37 10.42 -4.16 -29.40
CA PHE D 37 10.49 -5.55 -28.94
C PHE D 37 9.30 -5.91 -28.05
N MET D 38 8.96 -5.03 -27.08
CA MET D 38 7.80 -5.28 -26.21
CA MET D 38 7.80 -5.27 -26.20
C MET D 38 6.52 -5.40 -27.02
N ASP D 39 6.38 -4.55 -28.03
CA ASP D 39 5.23 -4.65 -28.93
C ASP D 39 5.19 -6.00 -29.61
N ALA D 40 6.36 -6.51 -30.01
CA ALA D 40 6.40 -7.77 -30.73
C ALA D 40 6.12 -8.96 -29.81
N LEU D 41 6.27 -8.79 -28.49
CA LEU D 41 6.08 -9.92 -27.59
C LEU D 41 4.68 -10.55 -27.73
N THR D 42 3.64 -9.75 -28.04
CA THR D 42 2.30 -10.31 -28.12
C THR D 42 2.12 -11.21 -29.34
N SER D 43 3.12 -11.26 -30.23
CA SER D 43 3.15 -12.26 -31.29
C SER D 43 3.22 -13.70 -30.78
N ASN D 44 3.68 -13.91 -29.54
CA ASN D 44 3.95 -15.26 -29.02
C ASN D 44 4.78 -16.10 -30.00
N ASP D 45 5.74 -15.47 -30.67
CA ASP D 45 6.39 -16.10 -31.81
C ASP D 45 7.90 -15.90 -31.64
N ALA D 46 8.59 -16.94 -31.15
CA ALA D 46 10.01 -16.83 -30.91
C ALA D 46 10.82 -16.62 -32.19
N ALA D 47 10.34 -17.10 -33.34
CA ALA D 47 11.06 -16.83 -34.59
C ALA D 47 10.99 -15.36 -35.00
N LYS D 48 9.88 -14.68 -34.67
CA LYS D 48 9.84 -13.23 -34.85
C LYS D 48 10.78 -12.54 -33.85
N LEU D 49 10.70 -12.94 -32.58
CA LEU D 49 11.46 -12.22 -31.57
C LEU D 49 12.96 -12.42 -31.72
N ILE D 50 13.41 -13.57 -32.21
CA ILE D 50 14.84 -13.86 -32.13
C ILE D 50 15.61 -12.94 -33.07
N GLU D 51 14.92 -12.37 -34.08
CA GLU D 51 15.55 -11.39 -34.97
C GLU D 51 16.19 -10.26 -34.21
N TYR D 52 15.66 -9.93 -33.02
CA TYR D 52 16.18 -8.82 -32.23
C TYR D 52 17.48 -9.13 -31.53
N PHE D 53 17.89 -10.40 -31.49
CA PHE D 53 18.99 -10.83 -30.63
C PHE D 53 20.29 -10.97 -31.42
N ALA D 54 21.39 -10.63 -30.78
CA ALA D 54 22.72 -10.93 -31.27
C ALA D 54 23.00 -12.42 -31.13
N GLU D 55 24.03 -12.90 -31.82
CA GLU D 55 24.39 -14.32 -31.70
CA GLU D 55 24.35 -14.32 -31.69
CA GLU D 55 24.41 -14.34 -31.69
C GLU D 55 24.96 -14.65 -30.27
N ASP D 56 25.76 -13.69 -29.80
CA ASP D 56 26.27 -13.79 -28.43
C ASP D 56 25.31 -13.02 -27.53
N THR D 57 24.49 -13.76 -26.79
CA THR D 57 23.34 -13.17 -26.14
C THR D 57 22.90 -14.10 -25.02
N MET D 58 21.96 -13.62 -24.21
CA MET D 58 21.40 -14.47 -23.17
C MET D 58 20.02 -13.97 -22.78
N PHE D 59 19.26 -14.85 -22.11
CA PHE D 59 17.93 -14.52 -21.63
C PHE D 59 17.73 -15.21 -20.30
N GLN D 60 17.16 -14.50 -19.33
CA GLN D 60 16.74 -15.20 -18.11
C GLN D 60 15.53 -14.51 -17.49
N ALA D 61 14.47 -15.30 -17.34
CA ALA D 61 13.43 -15.00 -16.36
C ALA D 61 14.03 -15.43 -15.01
N MET D 62 14.40 -14.45 -14.17
CA MET D 62 15.30 -14.73 -13.05
C MET D 62 14.88 -15.89 -12.13
N PRO D 63 13.59 -16.18 -11.91
CA PRO D 63 13.26 -17.37 -11.10
C PRO D 63 13.59 -18.72 -11.73
N LEU D 64 13.95 -18.76 -13.02
CA LEU D 64 14.15 -19.99 -13.77
C LEU D 64 15.53 -19.97 -14.44
N PRO D 65 16.00 -21.11 -15.00
CA PRO D 65 17.40 -21.16 -15.46
C PRO D 65 17.63 -20.26 -16.66
N PRO D 66 18.85 -19.70 -16.80
CA PRO D 66 19.13 -18.84 -17.95
C PRO D 66 19.40 -19.65 -19.21
N ALA D 67 19.32 -18.97 -20.33
CA ALA D 67 19.65 -19.49 -21.66
C ALA D 67 20.80 -18.65 -22.23
N TYR D 68 21.86 -19.31 -22.70
CA TYR D 68 23.03 -18.62 -23.24
C TYR D 68 23.20 -18.99 -24.71
N GLY D 69 23.46 -17.98 -25.53
CA GLY D 69 23.52 -18.19 -26.98
C GLY D 69 22.15 -18.03 -27.62
N ARG D 70 22.17 -17.51 -28.85
CA ARG D 70 20.93 -17.15 -29.54
C ARG D 70 20.04 -18.37 -29.76
N ASP D 71 20.64 -19.53 -30.08
CA ASP D 71 19.85 -20.76 -30.26
C ASP D 71 19.11 -21.14 -28.97
N ALA D 72 19.82 -21.14 -27.83
CA ALA D 72 19.14 -21.47 -26.57
C ALA D 72 18.08 -20.42 -26.23
N VAL D 73 18.35 -19.13 -26.50
CA VAL D 73 17.35 -18.11 -26.22
C VAL D 73 16.07 -18.38 -27.01
N GLU D 74 16.22 -18.62 -28.32
CA GLU D 74 15.04 -18.90 -29.14
C GLU D 74 14.27 -20.11 -28.64
N GLN D 75 14.97 -21.22 -28.33
CA GLN D 75 14.28 -22.44 -27.88
C GLN D 75 13.62 -22.25 -26.52
N THR D 76 14.22 -21.43 -25.66
CA THR D 76 13.67 -21.18 -24.33
C THR D 76 12.41 -20.32 -24.42
N LEU D 77 12.44 -19.24 -25.22
CA LEU D 77 11.25 -18.45 -25.44
C LEU D 77 10.15 -19.28 -26.09
N ALA D 78 10.50 -20.06 -27.12
CA ALA D 78 9.49 -20.90 -27.77
C ALA D 78 8.84 -21.86 -26.78
N GLY D 79 9.64 -22.41 -25.86
CA GLY D 79 9.07 -23.27 -24.82
C GLY D 79 8.07 -22.54 -23.93
N LEU D 80 8.36 -21.30 -23.57
CA LEU D 80 7.44 -20.51 -22.77
C LEU D 80 6.15 -20.26 -23.53
N PHE D 81 6.24 -20.04 -24.83
CA PHE D 81 5.05 -19.82 -25.61
C PHE D 81 4.23 -21.09 -25.83
N THR D 82 4.72 -22.27 -25.43
CA THR D 82 3.85 -23.45 -25.49
C THR D 82 2.90 -23.50 -24.31
N VAL D 83 3.14 -22.73 -23.26
CA VAL D 83 2.26 -22.77 -22.09
C VAL D 83 1.62 -21.43 -21.75
N MET D 84 2.12 -20.31 -22.26
CA MET D 84 1.65 -18.97 -21.91
CA MET D 84 1.60 -18.99 -21.92
C MET D 84 1.50 -18.12 -23.15
N SER D 85 0.50 -17.26 -23.16
CA SER D 85 0.37 -16.19 -24.12
C SER D 85 0.67 -14.86 -23.41
N ILE D 86 1.42 -14.00 -24.08
CA ILE D 86 1.59 -12.62 -23.66
C ILE D 86 0.46 -11.84 -24.30
N ASP D 87 -0.55 -11.49 -23.50
CA ASP D 87 -1.71 -10.84 -24.08
C ASP D 87 -1.52 -9.33 -24.17
N ALA D 88 -0.70 -8.74 -23.31
CA ALA D 88 -0.43 -7.31 -23.37
C ALA D 88 0.82 -7.03 -22.55
N VAL D 89 1.51 -5.93 -22.89
CA VAL D 89 2.68 -5.47 -22.14
C VAL D 89 2.50 -3.98 -21.95
N GLU D 90 2.53 -3.52 -20.70
CA GLU D 90 2.40 -2.10 -20.43
C GLU D 90 3.66 -1.62 -19.74
N THR D 91 4.38 -0.69 -20.35
CA THR D 91 5.65 -0.23 -19.82
C THR D 91 5.44 1.13 -19.18
N PHE D 92 5.54 1.20 -17.84
CA PHE D 92 5.38 2.46 -17.11
C PHE D 92 6.59 3.36 -17.24
N HIS D 93 7.78 2.78 -17.10
CA HIS D 93 9.03 3.51 -17.06
C HIS D 93 10.02 2.79 -17.94
N ILE D 94 10.74 3.55 -18.76
CA ILE D 94 11.87 2.99 -19.52
C ILE D 94 13.01 3.98 -19.36
N GLY D 95 14.20 3.44 -19.10
CA GLY D 95 15.37 4.29 -18.97
C GLY D 95 16.56 3.53 -19.45
N SER D 96 17.73 4.18 -19.47
CA SER D 96 18.91 3.46 -19.94
C SER D 96 20.18 4.20 -19.57
N SER D 97 21.29 3.46 -19.48
CA SER D 97 22.62 4.01 -19.32
C SER D 97 23.64 2.92 -19.66
N ASN D 98 24.73 3.32 -20.29
CA ASN D 98 25.88 2.41 -20.50
C ASN D 98 25.49 1.14 -21.26
N GLY D 99 24.59 1.27 -22.22
CA GLY D 99 24.20 0.15 -23.06
C GLY D 99 23.19 -0.78 -22.42
N LEU D 100 22.61 -0.41 -21.30
CA LEU D 100 21.57 -1.20 -20.65
C LEU D 100 20.28 -0.39 -20.62
N VAL D 101 19.17 -1.05 -20.92
CA VAL D 101 17.85 -0.41 -20.94
C VAL D 101 17.02 -1.11 -19.89
N TYR D 102 16.35 -0.32 -19.05
CA TYR D 102 15.52 -0.87 -18.01
C TYR D 102 14.05 -0.57 -18.27
N THR D 103 13.18 -1.54 -17.92
CA THR D 103 11.75 -1.36 -18.15
C THR D 103 10.98 -1.83 -16.94
N GLU D 104 10.18 -0.94 -16.36
CA GLU D 104 9.28 -1.29 -15.28
C GLU D 104 7.90 -1.46 -15.91
N ARG D 105 7.36 -2.68 -15.83
CA ARG D 105 6.21 -3.05 -16.67
C ARG D 105 5.19 -3.85 -15.90
N VAL D 106 4.00 -3.97 -16.51
CA VAL D 106 3.08 -5.05 -16.21
C VAL D 106 2.87 -5.83 -17.50
N ASP D 107 3.06 -7.15 -17.42
CA ASP D 107 2.75 -8.04 -18.53
C ASP D 107 1.46 -8.78 -18.19
N VAL D 108 0.54 -8.84 -19.14
CA VAL D 108 -0.71 -9.61 -19.00
C VAL D 108 -0.46 -10.98 -19.57
N LEU D 109 -0.39 -11.99 -18.71
CA LEU D 109 0.05 -13.32 -19.11
C LEU D 109 -1.08 -14.31 -18.89
N ARG D 110 -1.31 -15.15 -19.88
CA ARG D 110 -2.45 -16.07 -19.82
C ARG D 110 -1.94 -17.50 -19.92
N ALA D 111 -2.35 -18.35 -18.99
CA ALA D 111 -1.90 -19.73 -19.00
C ALA D 111 -2.74 -20.49 -20.01
N LEU D 112 -2.10 -21.00 -21.06
CA LEU D 112 -2.86 -21.76 -22.06
C LEU D 112 -3.56 -23.00 -21.50
N PRO D 113 -3.01 -23.77 -20.55
CA PRO D 113 -3.75 -24.95 -20.08
C PRO D 113 -5.03 -24.61 -19.34
N THR D 114 -5.07 -23.49 -18.61
CA THR D 114 -6.22 -23.19 -17.76
C THR D 114 -7.05 -22.05 -18.31
N GLY D 115 -6.50 -21.23 -19.20
CA GLY D 115 -7.12 -20.00 -19.62
C GLY D 115 -7.10 -18.88 -18.61
N LYS D 116 -6.43 -19.06 -17.47
CA LYS D 116 -6.40 -18.01 -16.47
C LYS D 116 -5.32 -16.99 -16.81
N SER D 117 -5.59 -15.73 -16.46
CA SER D 117 -4.71 -14.63 -16.81
CA SER D 117 -4.68 -14.65 -16.79
C SER D 117 -4.30 -13.89 -15.53
N TYR D 118 -3.17 -13.18 -15.62
CA TYR D 118 -2.69 -12.48 -14.45
C TYR D 118 -1.85 -11.30 -14.92
N ASN D 119 -1.98 -10.19 -14.22
CA ASN D 119 -1.22 -8.98 -14.54
C ASN D 119 0.01 -8.97 -13.65
N LEU D 120 1.16 -9.31 -14.22
CA LEU D 120 2.37 -9.59 -13.45
C LEU D 120 3.29 -8.37 -13.47
N SER D 121 3.68 -7.89 -12.29
CA SER D 121 4.62 -6.76 -12.22
C SER D 121 6.06 -7.24 -12.43
N ILE D 122 6.75 -6.60 -13.36
CA ILE D 122 8.06 -7.05 -13.81
C ILE D 122 8.99 -5.85 -13.93
N LEU D 123 10.24 -6.04 -13.54
CA LEU D 123 11.29 -5.05 -13.81
C LEU D 123 12.35 -5.81 -14.60
N GLY D 124 12.69 -5.29 -15.78
CA GLY D 124 13.50 -6.02 -16.72
C GLY D 124 14.66 -5.15 -17.18
N VAL D 125 15.72 -5.84 -17.61
CA VAL D 125 16.91 -5.16 -18.10
C VAL D 125 17.31 -5.80 -19.42
N PHE D 126 17.72 -4.96 -20.38
CA PHE D 126 18.12 -5.39 -21.71
C PHE D 126 19.51 -4.80 -21.96
N GLN D 127 20.43 -5.62 -22.42
CA GLN D 127 21.74 -5.16 -22.85
CA GLN D 127 21.72 -5.13 -22.85
C GLN D 127 21.71 -5.11 -24.38
N LEU D 128 22.16 -3.98 -24.96
CA LEU D 128 22.17 -3.85 -26.41
C LEU D 128 23.58 -3.54 -26.89
N THR D 129 23.95 -4.13 -28.01
CA THR D 129 25.23 -3.88 -28.68
C THR D 129 24.91 -3.74 -30.15
N GLU D 130 25.21 -2.58 -30.74
CA GLU D 130 24.99 -2.45 -32.19
C GLU D 130 23.53 -2.66 -32.57
N GLY D 131 22.60 -2.28 -31.71
CA GLY D 131 21.21 -2.42 -32.05
C GLY D 131 20.62 -3.80 -31.85
N LYS D 132 21.39 -4.74 -31.33
CA LYS D 132 20.95 -6.13 -31.12
C LYS D 132 21.00 -6.45 -29.64
N ILE D 133 20.07 -7.29 -29.18
CA ILE D 133 19.99 -7.63 -27.75
C ILE D 133 21.06 -8.66 -27.41
N THR D 134 21.93 -8.31 -26.46
CA THR D 134 22.96 -9.19 -25.96
C THR D 134 22.60 -9.79 -24.60
N GLY D 135 21.54 -9.30 -23.95
CA GLY D 135 21.09 -9.91 -22.72
C GLY D 135 19.70 -9.41 -22.38
N TRP D 136 18.84 -10.26 -21.86
CA TRP D 136 17.52 -9.84 -21.40
C TRP D 136 17.20 -10.61 -20.13
N ARG D 137 17.00 -9.90 -19.03
CA ARG D 137 16.68 -10.52 -17.74
C ARG D 137 15.45 -9.81 -17.18
N ASP D 138 14.43 -10.60 -16.84
CA ASP D 138 13.20 -10.13 -16.20
C ASP D 138 13.15 -10.56 -14.73
N TYR D 139 12.88 -9.62 -13.84
CA TYR D 139 12.83 -9.89 -12.41
C TYR D 139 11.38 -9.76 -11.95
N PHE D 140 10.91 -10.77 -11.22
CA PHE D 140 9.51 -10.79 -10.79
C PHE D 140 9.36 -11.94 -9.80
N ASP D 141 8.18 -12.05 -9.18
CA ASP D 141 7.84 -13.12 -8.25
C ASP D 141 7.08 -14.21 -8.99
N LEU D 142 7.69 -15.38 -9.10
CA LEU D 142 7.06 -16.44 -9.87
C LEU D 142 5.90 -17.07 -9.13
N ARG D 143 6.03 -17.30 -7.83
CA ARG D 143 4.95 -17.97 -7.09
C ARG D 143 3.62 -17.22 -7.23
N GLU D 144 3.65 -15.89 -7.14
CA GLU D 144 2.45 -15.05 -7.32
C GLU D 144 1.75 -15.37 -8.62
N PHE D 145 2.53 -15.45 -9.70
CA PHE D 145 1.96 -15.81 -10.99
C PHE D 145 1.43 -17.25 -10.99
N GLU D 146 2.26 -18.22 -10.56
CA GLU D 146 1.85 -19.62 -10.57
C GLU D 146 0.52 -19.83 -9.85
N GLU D 147 0.36 -19.18 -8.69
CA GLU D 147 -0.84 -19.37 -7.89
C GLU D 147 -2.05 -18.69 -8.53
N ALA D 148 -1.85 -17.57 -9.21
CA ALA D 148 -2.98 -16.88 -9.82
C ALA D 148 -3.56 -17.68 -10.98
N VAL D 149 -2.73 -18.39 -11.76
CA VAL D 149 -3.20 -19.04 -12.98
C VAL D 149 -3.17 -20.55 -12.89
N ASP D 150 -2.81 -21.12 -11.73
CA ASP D 150 -2.72 -22.58 -11.53
C ASP D 150 -1.81 -23.25 -12.58
N LEU D 151 -0.64 -22.68 -12.76
CA LEU D 151 0.35 -23.21 -13.71
C LEU D 151 1.70 -23.24 -13.03
N PRO D 152 2.13 -24.37 -12.46
CA PRO D 152 3.50 -24.44 -11.93
C PRO D 152 4.53 -24.40 -13.04
N LEU D 153 5.63 -23.69 -12.79
CA LEU D 153 6.70 -23.64 -13.78
C LEU D 153 8.01 -24.11 -13.19
N ARG D 154 8.06 -24.33 -11.90
CA ARG D 154 9.30 -24.80 -11.28
C ARG D 154 8.95 -26.02 -10.36
N GLY D 155 9.89 -26.93 -10.07
CA GLY D 155 9.62 -28.08 -9.21
C GLY D 155 9.02 -27.68 -7.88
N D0I E . -8.68 1.35 19.92
C D0I E . -7.63 3.24 22.64
O D0I E . -6.35 3.76 22.32
C1 D0I E . -7.79 1.83 22.07
C10 D0I E . -8.44 0.62 18.66
C11 D0I E . -7.44 -0.52 18.65
C12 D0I E . -7.71 -1.79 19.16
C13 D0I E . -6.77 -2.80 19.12
C14 D0I E . -5.54 -2.60 18.53
C15 D0I E . -5.26 -1.36 17.99
C16 D0I E . -6.21 -0.34 18.03
C17 D0I E . -7.45 1.76 20.57
C2 D0I E . -6.88 0.90 22.87
C3 D0I E . -5.58 0.59 22.45
C4 D0I E . -4.77 -0.23 23.22
C5 D0I E . -5.24 -0.75 24.41
C6 D0I E . -6.52 -0.47 24.84
C7 D0I E . -7.35 0.35 24.07
C8 D0I E . -9.26 1.38 22.14
C9 D0I E . -9.48 0.58 20.89
C1 EDO F . -16.00 -7.63 14.18
O1 EDO F . -15.46 -8.80 14.78
C2 EDO F . -15.24 -7.33 12.89
O2 EDO F . -15.99 -7.61 11.71
C1 EDO G . 0.89 2.23 32.76
O1 EDO G . 1.37 1.13 32.04
C2 EDO G . 1.26 3.46 31.94
O2 EDO G . 0.95 4.64 32.62
NA NA H . -23.02 19.55 16.17
NA NA I . -13.81 20.90 18.26
N D0I J . -14.84 3.61 1.49
C D0I J . -17.21 5.01 -0.46
O D0I J . -18.26 4.06 -0.31
C1 D0I J . -15.88 4.29 -0.55
C10 D0I J . -14.15 2.41 2.01
C11 D0I J . -13.27 1.57 1.09
C12 D0I J . -12.22 2.07 0.31
C13 D0I J . -11.47 1.25 -0.51
C14 D0I J . -11.72 -0.11 -0.52
C15 D0I J . -12.74 -0.63 0.24
C16 D0I J . -13.49 0.20 1.06
C17 D0I J . -15.80 3.17 0.49
C2 D0I J . -15.73 3.69 -1.94
C3 D0I J . -15.94 2.31 -2.17
C4 D0I J . -15.84 1.78 -3.46
C5 D0I J . -15.55 2.62 -4.53
C6 D0I J . -15.33 3.96 -4.31
C7 D0I J . -15.42 4.50 -3.02
C8 D0I J . -14.70 5.24 -0.22
C9 D0I J . -13.96 4.65 0.94
NA NA K . -29.95 14.68 12.70
C1 PEG L . 27.97 13.04 -10.02
O1 PEG L . 28.16 13.57 -11.31
C2 PEG L . 28.26 11.53 -10.01
O2 PEG L . 29.59 11.29 -10.35
C3 PEG L . 29.78 10.61 -11.57
C4 PEG L . 29.93 11.60 -12.73
O4 PEG L . 30.76 11.09 -13.73
N D0I M . 14.78 -5.99 -0.77
C D0I M . 17.42 -4.42 0.74
O D0I M . 18.45 -5.39 0.75
C1 D0I M . 16.08 -5.10 0.99
C10 D0I M . 14.07 -7.21 -1.20
C11 D0I M . 13.60 -8.24 -0.17
C12 D0I M . 14.19 -9.49 -0.14
C13 D0I M . 13.78 -10.47 0.76
C14 D0I M . 12.74 -10.21 1.63
C15 D0I M . 12.11 -8.97 1.60
C16 D0I M . 12.53 -8.00 0.70
C17 D0I M . 15.89 -6.34 0.09
C2 D0I M . 15.99 -5.49 2.46
C3 D0I M . 15.61 -4.54 3.40
C4 D0I M . 15.56 -4.86 4.76
C5 D0I M . 15.90 -6.14 5.18
C6 D0I M . 16.27 -7.09 4.25
C7 D0I M . 16.33 -6.78 2.90
C8 D0I M . 14.91 -4.17 0.60
C9 D0I M . 13.90 -5.05 -0.07
C1 EDO N . 28.34 -3.60 0.99
O1 EDO N . 28.42 -4.99 0.90
C2 EDO N . 26.85 -3.27 0.98
O2 EDO N . 26.63 -2.01 1.53
C1 EDO O . 32.19 -8.53 -5.90
O1 EDO O . 30.79 -8.59 -5.74
C2 EDO O . 32.61 -9.49 -7.00
O2 EDO O . 31.45 -10.16 -7.44
C1 EDO P . 17.54 11.47 -17.03
O1 EDO P . 16.66 11.41 -18.15
C2 EDO P . 18.88 10.75 -17.17
O2 EDO P . 19.41 10.63 -15.86
C1 EDO Q . 34.26 -12.75 -5.09
O1 EDO Q . 33.68 -13.95 -5.52
C2 EDO Q . 34.81 -12.94 -3.67
O2 EDO Q . 35.05 -11.70 -3.07
NA NA R . 27.87 4.49 -15.35
N D0I S . 9.02 -12.79 -18.45
C D0I S . 7.86 -11.66 -21.45
O D0I S . 6.53 -11.23 -21.20
C1 D0I S . 8.18 -12.92 -20.66
C10 D0I S . 8.78 -13.29 -17.10
C11 D0I S . 8.07 -14.63 -16.87
C12 D0I S . 8.65 -15.86 -17.19
C13 D0I S . 7.98 -17.04 -16.95
C14 D0I S . 6.74 -17.02 -16.35
C15 D0I S . 6.16 -15.82 -15.99
C16 D0I S . 6.85 -14.64 -16.23
C17 D0I S . 7.76 -12.77 -19.19
C2 D0I S . 7.44 -14.10 -21.27
C3 D0I S . 6.18 -14.51 -20.77
C4 D0I S . 5.50 -15.58 -21.37
C5 D0I S . 6.06 -16.23 -22.45
C6 D0I S . 7.28 -15.83 -22.96
C7 D0I S . 7.98 -14.78 -22.36
C8 D0I S . 9.70 -13.18 -20.62
C9 D0I S . 9.99 -13.58 -19.20
C1 EDO T . 6.08 -6.84 -35.60
O1 EDO T . 7.21 -7.62 -35.85
C2 EDO T . 5.80 -6.78 -34.11
O2 EDO T . 5.41 -5.48 -33.75
NA NA U . 11.65 7.03 -20.50
NA NA V . 20.73 7.49 -18.64
#